data_4IRY
#
_entry.id   4IRY
#
_cell.length_a   60.183
_cell.length_b   155.618
_cell.length_c   97.774
_cell.angle_alpha   90.00
_cell.angle_beta   90.94
_cell.angle_gamma   90.00
#
_symmetry.space_group_name_H-M   'C 1 2 1'
#
_entity_poly.entity_id   1
_entity_poly.type   'polypeptide(L)'
_entity_poly.pdbx_seq_one_letter_code
;MATKGTKRSYEQMETDGERQNATEIRASVGKMIDGIGRFYIQMCTELKLSDYEGRLIQNSLTIERMVLSAFDERRNKYLE
EHPSAGKDPKKTGGPIYRRVDGKWRRELILYDKEEIRRIWRQANNGDDATAGLTHMMIWHSNLNDATYQRTRALVRTGMD
PRMCSLMQGSTLPRRSGAAGAAVKGVGTMVMELIRMIKRGINDRNFWRGENGRRTRIAYERMCNILKGKFQTAAQRTMVD
QVRESRNPGNAEFEDLIFLARSALILRGSVAHKSCLPACVYGSAVASGYDFEREGYSLVGIDPFRLLQNSQVYSLIRPNE
NPAHKSQLVWMACHSAAFEDLRVSSFIRGTKVVPRGKLSTRGVQIASNENMETMESSTLELRSRYWAIRTRSGGNTNQQR
AGGGGSTGNTEGRTSDMRTEIIRLMESARPEDVSFQGRGVFELSDEKATSPIVPSFDMSNEGSYFFGDNAEEYDNLEHHH
HHH
;
_entity_poly.pdbx_strand_id   B,A
#
# COMPACT_ATOMS: atom_id res chain seq x y z
N ASN A 21 -39.40 28.08 9.19
CA ASN A 21 -38.20 28.66 8.60
C ASN A 21 -37.19 27.58 8.20
N ALA A 22 -36.86 26.71 9.14
CA ALA A 22 -35.93 25.63 8.88
C ALA A 22 -36.69 24.38 8.49
N THR A 23 -37.99 24.56 8.30
CA THR A 23 -38.87 23.50 7.85
C THR A 23 -38.50 22.93 6.49
N GLU A 24 -38.10 23.78 5.55
CA GLU A 24 -37.93 23.34 4.19
C GLU A 24 -36.86 22.23 4.10
N ILE A 25 -35.75 22.41 4.80
CA ILE A 25 -34.68 21.45 4.67
C ILE A 25 -35.05 20.06 5.16
N ARG A 26 -35.73 19.96 6.30
CA ARG A 26 -36.04 18.65 6.81
C ARG A 26 -36.87 17.89 5.77
N ALA A 27 -37.88 18.58 5.22
CA ALA A 27 -38.87 18.10 4.25
C ALA A 27 -38.34 17.71 2.88
N SER A 28 -37.62 18.60 2.29
CA SER A 28 -37.08 18.26 0.98
C SER A 28 -36.18 17.07 1.09
N VAL A 29 -35.58 16.95 2.24
CA VAL A 29 -34.65 15.86 2.49
C VAL A 29 -35.38 14.69 3.07
N GLY A 30 -36.33 14.96 3.97
CA GLY A 30 -37.08 13.89 4.57
C GLY A 30 -38.07 13.33 3.57
N LYS A 31 -38.57 14.23 2.71
CA LYS A 31 -39.53 13.86 1.68
C LYS A 31 -38.77 13.06 0.62
N MET A 32 -37.46 13.24 0.58
CA MET A 32 -36.60 12.52 -0.36
C MET A 32 -36.42 11.11 0.19
N ILE A 33 -36.11 11.02 1.48
CA ILE A 33 -35.94 9.73 2.10
C ILE A 33 -37.24 8.96 1.89
N ASP A 34 -38.35 9.51 2.39
CA ASP A 34 -39.67 8.90 2.26
C ASP A 34 -39.86 8.17 0.92
N GLY A 35 -39.64 8.90 -0.16
CA GLY A 35 -39.79 8.30 -1.48
C GLY A 35 -38.85 7.14 -1.72
N ILE A 36 -37.61 7.27 -1.31
CA ILE A 36 -36.68 6.17 -1.53
C ILE A 36 -37.28 5.00 -0.78
N GLY A 37 -37.81 5.32 0.40
CA GLY A 37 -38.44 4.29 1.23
C GLY A 37 -39.63 3.63 0.54
N ARG A 38 -40.66 4.42 0.23
CA ARG A 38 -41.85 3.88 -0.42
C ARG A 38 -41.46 3.02 -1.63
N PHE A 39 -40.58 3.57 -2.46
CA PHE A 39 -40.14 2.86 -3.66
C PHE A 39 -39.58 1.48 -3.33
N TYR A 40 -38.79 1.40 -2.28
CA TYR A 40 -38.20 0.12 -1.92
C TYR A 40 -39.24 -0.89 -1.48
N ILE A 41 -40.19 -0.41 -0.68
CA ILE A 41 -41.24 -1.25 -0.18
C ILE A 41 -42.03 -1.87 -1.31
N GLN A 42 -42.55 -1.01 -2.18
CA GLN A 42 -43.32 -1.48 -3.33
C GLN A 42 -42.49 -2.50 -4.08
N MET A 43 -41.26 -2.12 -4.37
CA MET A 43 -40.36 -3.00 -5.08
C MET A 43 -40.22 -4.39 -4.45
N CYS A 44 -40.15 -4.43 -3.12
CA CYS A 44 -40.02 -5.72 -2.41
C CYS A 44 -41.29 -6.57 -2.50
N THR A 45 -42.43 -5.94 -2.22
CA THR A 45 -43.70 -6.65 -2.28
C THR A 45 -43.87 -7.14 -3.72
N GLU A 46 -43.59 -6.27 -4.66
CA GLU A 46 -43.69 -6.59 -6.08
C GLU A 46 -42.90 -7.87 -6.36
N LEU A 47 -41.69 -7.94 -5.82
CA LEU A 47 -40.82 -9.10 -6.02
C LEU A 47 -41.11 -10.27 -5.09
N LYS A 48 -42.21 -10.23 -4.36
CA LYS A 48 -42.52 -11.34 -3.45
C LYS A 48 -41.33 -11.73 -2.55
N LEU A 49 -40.70 -10.74 -1.92
CA LEU A 49 -39.55 -10.97 -1.03
C LEU A 49 -39.95 -10.98 0.45
N SER A 50 -39.20 -11.70 1.28
CA SER A 50 -39.49 -11.79 2.73
C SER A 50 -38.69 -10.73 3.50
N ASP A 51 -39.16 -10.36 4.69
CA ASP A 51 -38.48 -9.33 5.50
C ASP A 51 -36.96 -9.42 5.46
N TYR A 52 -36.44 -10.61 5.80
CA TYR A 52 -35.00 -10.84 5.81
C TYR A 52 -34.44 -10.52 4.42
N GLU A 53 -35.03 -11.17 3.40
CA GLU A 53 -34.63 -11.01 2.01
C GLU A 53 -34.74 -9.56 1.49
N GLY A 54 -35.45 -8.72 2.23
CA GLY A 54 -35.58 -7.33 1.83
C GLY A 54 -34.54 -6.51 2.57
N ARG A 55 -34.21 -6.96 3.78
CA ARG A 55 -33.21 -6.30 4.61
C ARG A 55 -31.84 -6.89 4.22
N LEU A 56 -31.80 -7.65 3.12
CA LEU A 56 -30.56 -8.23 2.65
C LEU A 56 -29.87 -7.11 1.89
N ILE A 57 -28.69 -6.70 2.33
CA ILE A 57 -28.01 -5.60 1.65
C ILE A 57 -27.74 -5.86 0.16
N GLN A 58 -27.55 -7.13 -0.19
CA GLN A 58 -27.25 -7.51 -1.58
C GLN A 58 -28.47 -7.30 -2.47
N ASN A 59 -29.66 -7.53 -1.91
CA ASN A 59 -30.89 -7.31 -2.69
C ASN A 59 -31.12 -5.81 -2.79
N SER A 60 -30.74 -5.06 -1.75
CA SER A 60 -30.91 -3.61 -1.79
C SER A 60 -30.05 -2.97 -2.86
N LEU A 61 -28.78 -3.35 -2.98
CA LEU A 61 -27.95 -2.77 -4.01
C LEU A 61 -28.49 -3.11 -5.36
N THR A 62 -29.00 -4.31 -5.50
CA THR A 62 -29.54 -4.70 -6.77
C THR A 62 -30.82 -3.83 -7.07
N ILE A 63 -31.69 -3.45 -6.11
CA ILE A 63 -32.86 -2.68 -6.45
C ILE A 63 -32.55 -1.18 -6.78
N GLU A 64 -31.58 -0.58 -6.12
CA GLU A 64 -31.13 0.78 -6.34
C GLU A 64 -30.48 0.93 -7.75
N ARG A 65 -29.69 -0.07 -8.13
CA ARG A 65 -29.00 -0.16 -9.38
C ARG A 65 -30.01 -0.15 -10.49
N MET A 66 -31.14 -0.73 -10.17
CA MET A 66 -32.22 -0.83 -11.13
C MET A 66 -32.91 0.50 -11.37
N VAL A 67 -33.12 1.38 -10.37
CA VAL A 67 -33.87 2.63 -10.67
C VAL A 67 -33.03 3.65 -11.41
N LEU A 68 -31.76 3.67 -11.08
CA LEU A 68 -30.90 4.60 -11.72
C LEU A 68 -30.72 4.23 -13.19
N SER A 69 -30.73 2.93 -13.53
CA SER A 69 -30.57 2.50 -14.92
C SER A 69 -31.67 3.04 -15.83
N ALA A 70 -32.90 3.09 -15.32
CA ALA A 70 -34.00 3.62 -16.15
C ALA A 70 -33.91 5.13 -16.25
N PHE A 71 -33.57 5.79 -15.16
CA PHE A 71 -33.43 7.21 -15.22
C PHE A 71 -32.12 7.58 -15.98
N ASP A 72 -31.13 6.65 -16.00
CA ASP A 72 -29.86 6.85 -16.70
C ASP A 72 -30.11 6.96 -18.18
N GLU A 73 -30.85 5.97 -18.69
CA GLU A 73 -31.23 5.96 -20.08
C GLU A 73 -30.01 6.10 -21.02
N ARG A 74 -28.90 5.47 -20.68
CA ARG A 74 -27.68 5.47 -21.49
C ARG A 74 -27.02 6.86 -21.60
N ARG A 75 -26.90 7.58 -20.48
CA ARG A 75 -26.28 8.90 -20.45
C ARG A 75 -25.23 9.05 -19.31
N ASN A 76 -24.95 7.94 -18.58
CA ASN A 76 -23.92 7.75 -17.58
C ASN A 76 -23.98 8.83 -16.51
N LYS A 77 -25.17 9.41 -16.26
CA LYS A 77 -25.22 10.41 -15.22
C LYS A 77 -25.57 9.83 -13.87
N TYR A 78 -26.36 8.76 -13.92
CA TYR A 78 -26.81 8.11 -12.73
C TYR A 78 -26.17 6.74 -12.49
N LEU A 79 -25.70 6.13 -13.56
CA LEU A 79 -25.11 4.80 -13.58
C LEU A 79 -23.72 4.85 -14.10
N GLU A 80 -23.09 3.85 -13.66
CA GLU A 80 -21.72 3.51 -14.08
C GLU A 80 -21.85 2.34 -15.03
N GLU A 81 -22.17 2.65 -16.28
CA GLU A 81 -22.36 1.57 -17.24
C GLU A 81 -21.21 1.56 -18.16
N HIS A 82 -20.97 0.39 -18.70
CA HIS A 82 -19.79 0.27 -19.53
C HIS A 82 -20.06 0.78 -20.93
N PRO A 83 -19.03 0.86 -21.75
CA PRO A 83 -19.32 1.37 -23.05
C PRO A 83 -19.74 0.25 -24.01
N SER A 84 -19.13 -0.91 -23.86
CA SER A 84 -19.40 -2.04 -24.77
C SER A 84 -20.28 -3.08 -24.11
N ALA A 85 -20.47 -2.85 -22.81
CA ALA A 85 -21.26 -3.75 -21.96
C ALA A 85 -22.56 -4.27 -22.63
N GLY A 86 -22.98 -5.56 -22.41
CA GLY A 86 -24.17 -6.10 -23.11
C GLY A 86 -25.45 -5.99 -22.29
N LYS A 87 -26.16 -4.90 -22.40
CA LYS A 87 -27.39 -4.90 -21.64
C LYS A 87 -28.50 -4.15 -22.39
N ASP A 88 -29.68 -4.80 -22.50
CA ASP A 88 -30.87 -4.29 -23.21
C ASP A 88 -31.13 -2.80 -22.97
N PRO A 89 -31.17 -2.00 -24.03
CA PRO A 89 -31.42 -0.57 -23.91
C PRO A 89 -32.72 -0.15 -23.24
N LYS A 90 -33.71 -1.03 -23.24
CA LYS A 90 -34.97 -0.66 -22.63
C LYS A 90 -35.50 -1.62 -21.58
N LYS A 91 -34.59 -2.35 -20.94
CA LYS A 91 -34.99 -3.30 -19.91
C LYS A 91 -33.85 -3.63 -18.91
N THR A 92 -33.96 -3.16 -17.67
CA THR A 92 -32.95 -3.40 -16.63
C THR A 92 -33.30 -4.51 -15.63
N GLY A 93 -32.29 -4.99 -14.93
CA GLY A 93 -32.49 -6.05 -13.96
C GLY A 93 -31.24 -6.38 -13.14
N GLY A 94 -31.38 -7.36 -12.25
CA GLY A 94 -30.24 -7.76 -11.44
C GLY A 94 -30.51 -9.05 -10.68
N PRO A 95 -29.54 -9.51 -9.89
CA PRO A 95 -29.71 -10.74 -9.13
C PRO A 95 -30.40 -10.50 -7.80
N ILE A 96 -31.32 -11.39 -7.49
CA ILE A 96 -32.07 -11.35 -6.24
C ILE A 96 -31.75 -12.61 -5.48
N TYR A 97 -31.66 -12.53 -4.15
CA TYR A 97 -31.32 -13.71 -3.37
C TYR A 97 -32.35 -14.03 -2.32
N ARG A 98 -33.00 -15.17 -2.48
CA ARG A 98 -33.98 -15.59 -1.49
C ARG A 98 -33.53 -16.91 -0.88
N ARG A 99 -33.78 -17.08 0.41
CA ARG A 99 -33.41 -18.28 1.15
C ARG A 99 -34.56 -19.30 1.09
N VAL A 100 -34.30 -20.43 0.43
CA VAL A 100 -35.29 -21.49 0.26
C VAL A 100 -34.68 -22.81 0.74
N ASP A 101 -35.40 -23.49 1.62
CA ASP A 101 -34.94 -24.76 2.19
C ASP A 101 -33.70 -24.57 3.05
N GLY A 102 -33.39 -23.31 3.38
CA GLY A 102 -32.25 -23.00 4.20
C GLY A 102 -31.09 -22.50 3.37
N LYS A 103 -30.88 -23.12 2.20
CA LYS A 103 -29.83 -22.69 1.28
C LYS A 103 -30.22 -21.35 0.62
N TRP A 104 -29.21 -20.57 0.26
CA TRP A 104 -29.49 -19.32 -0.41
C TRP A 104 -29.43 -19.62 -1.88
N ARG A 105 -30.38 -19.11 -2.64
CA ARG A 105 -30.34 -19.37 -4.05
C ARG A 105 -30.25 -18.09 -4.84
N ARG A 106 -29.60 -18.15 -5.99
CA ARG A 106 -29.46 -16.95 -6.81
C ARG A 106 -30.49 -16.88 -7.91
N GLU A 107 -31.32 -15.85 -7.83
CA GLU A 107 -32.39 -15.62 -8.78
C GLU A 107 -31.99 -14.41 -9.60
N LEU A 108 -32.47 -14.34 -10.83
CA LEU A 108 -32.14 -13.25 -11.71
C LEU A 108 -33.37 -12.60 -12.32
N ILE A 109 -33.77 -11.45 -11.77
CA ILE A 109 -34.93 -10.74 -12.28
C ILE A 109 -34.56 -9.79 -13.42
N LEU A 110 -35.57 -9.28 -14.10
CA LEU A 110 -35.38 -8.36 -15.21
C LEU A 110 -36.71 -7.66 -15.30
N TYR A 111 -36.69 -6.33 -15.24
CA TYR A 111 -37.88 -5.53 -15.33
C TYR A 111 -37.85 -4.57 -16.49
N ASP A 112 -39.02 -4.14 -16.86
CA ASP A 112 -39.13 -3.18 -17.92
C ASP A 112 -38.79 -1.81 -17.32
N LYS A 113 -37.89 -1.06 -17.96
CA LYS A 113 -37.48 0.24 -17.42
C LYS A 113 -38.68 1.11 -17.02
N GLU A 114 -39.79 0.98 -17.73
CA GLU A 114 -41.01 1.68 -17.42
C GLU A 114 -41.49 1.35 -15.99
N GLU A 115 -41.58 0.07 -15.69
CA GLU A 115 -41.98 -0.48 -14.36
C GLU A 115 -41.20 0.19 -13.23
N ILE A 116 -39.93 0.37 -13.53
CA ILE A 116 -39.04 0.99 -12.59
C ILE A 116 -39.29 2.47 -12.43
N ARG A 117 -39.42 3.14 -13.55
CA ARG A 117 -39.65 4.57 -13.56
C ARG A 117 -41.10 4.89 -13.21
N ARG A 118 -42.03 4.14 -13.50
CA ARG A 118 -43.41 4.38 -13.10
C ARG A 118 -43.57 4.11 -11.60
N ILE A 119 -42.94 3.04 -11.13
CA ILE A 119 -43.04 2.67 -9.72
C ILE A 119 -42.26 3.68 -8.91
N TRP A 120 -41.13 4.14 -9.44
CA TRP A 120 -40.31 5.12 -8.74
C TRP A 120 -41.09 6.43 -8.60
N ARG A 121 -41.59 6.91 -9.74
CA ARG A 121 -42.34 8.15 -9.77
C ARG A 121 -43.55 8.11 -8.83
N GLN A 122 -44.25 6.98 -8.80
CA GLN A 122 -45.43 6.86 -7.95
C GLN A 122 -44.98 6.79 -6.49
N ALA A 123 -43.77 6.29 -6.28
CA ALA A 123 -43.26 6.21 -4.93
C ALA A 123 -43.04 7.64 -4.45
N ASN A 124 -42.69 8.51 -5.40
CA ASN A 124 -42.44 9.90 -5.07
C ASN A 124 -43.60 10.83 -5.38
N ASN A 125 -44.91 10.43 -5.48
CA ASN A 125 -46.15 11.32 -5.68
C ASN A 125 -46.18 12.26 -6.87
N GLY A 126 -45.65 11.61 -7.95
CA GLY A 126 -45.53 12.06 -9.32
C GLY A 126 -44.24 12.76 -9.63
N ASP A 127 -43.46 13.05 -8.58
CA ASP A 127 -42.20 13.75 -8.82
C ASP A 127 -41.08 12.79 -9.28
N ASP A 128 -40.16 13.29 -10.09
CA ASP A 128 -38.98 12.53 -10.45
C ASP A 128 -38.08 12.77 -9.30
N ALA A 129 -37.87 11.78 -8.56
CA ALA A 129 -37.01 12.04 -7.47
C ALA A 129 -35.56 12.06 -7.87
N THR A 130 -35.04 13.23 -8.31
CA THR A 130 -33.61 13.33 -8.72
C THR A 130 -32.67 13.31 -7.50
N ALA A 131 -33.04 13.89 -6.35
CA ALA A 131 -32.18 13.89 -5.15
C ALA A 131 -31.99 12.46 -4.61
N GLY A 132 -33.13 11.74 -4.58
CA GLY A 132 -33.17 10.35 -4.20
C GLY A 132 -32.22 9.57 -5.12
N LEU A 133 -32.40 9.69 -6.46
CA LEU A 133 -31.49 8.92 -7.37
C LEU A 133 -30.03 9.28 -7.12
N THR A 134 -29.77 10.54 -6.79
CA THR A 134 -28.38 10.98 -6.52
C THR A 134 -27.94 10.47 -5.16
N HIS A 135 -28.89 10.35 -4.24
CA HIS A 135 -28.62 9.86 -2.88
C HIS A 135 -28.16 8.38 -3.00
N MET A 136 -28.88 7.59 -3.79
CA MET A 136 -28.52 6.19 -3.95
C MET A 136 -27.19 6.03 -4.69
N MET A 137 -26.95 6.92 -5.65
CA MET A 137 -25.71 6.87 -6.42
C MET A 137 -24.53 7.17 -5.51
N ILE A 138 -24.66 8.20 -4.69
CA ILE A 138 -23.56 8.53 -3.81
C ILE A 138 -23.33 7.41 -2.80
N TRP A 139 -24.40 6.70 -2.43
CA TRP A 139 -24.27 5.57 -1.50
C TRP A 139 -23.49 4.40 -2.11
N HIS A 140 -23.74 4.09 -3.39
CA HIS A 140 -23.02 3.00 -4.05
C HIS A 140 -21.55 3.40 -4.13
N SER A 141 -21.34 4.68 -4.46
CA SER A 141 -20.02 5.28 -4.55
C SER A 141 -19.25 5.17 -3.21
N ASN A 142 -19.92 5.48 -2.11
CA ASN A 142 -19.24 5.40 -0.82
C ASN A 142 -18.84 3.98 -0.54
N LEU A 143 -19.75 3.04 -0.80
CA LEU A 143 -19.47 1.61 -0.59
C LEU A 143 -18.22 1.23 -1.37
N ASN A 144 -18.26 1.48 -2.67
CA ASN A 144 -17.12 1.18 -3.55
C ASN A 144 -15.82 1.71 -2.99
N ASP A 145 -15.88 2.97 -2.52
CA ASP A 145 -14.70 3.61 -1.95
C ASP A 145 -14.18 2.82 -0.77
N ALA A 146 -15.08 2.32 0.07
CA ALA A 146 -14.64 1.54 1.21
C ALA A 146 -14.34 0.09 0.89
N THR A 147 -14.61 -0.34 -0.35
CA THR A 147 -14.34 -1.73 -0.70
C THR A 147 -13.20 -2.01 -1.68
N TYR A 148 -13.15 -1.26 -2.78
CA TYR A 148 -12.14 -1.54 -3.81
C TYR A 148 -10.95 -0.60 -3.93
N GLN A 149 -9.80 -1.25 -4.19
CA GLN A 149 -8.54 -0.56 -4.35
C GLN A 149 -8.35 0.04 -5.72
N ARG A 150 -7.61 1.12 -5.77
CA ARG A 150 -7.43 1.83 -7.02
C ARG A 150 -5.99 1.96 -7.45
N THR A 151 -5.05 1.64 -6.61
CA THR A 151 -3.63 1.77 -6.92
C THR A 151 -3.19 1.30 -8.32
N ARG A 152 -3.68 0.14 -8.79
CA ARG A 152 -3.32 -0.36 -10.13
C ARG A 152 -3.79 0.55 -11.23
N ALA A 153 -4.79 1.39 -10.98
CA ALA A 153 -5.28 2.31 -12.04
C ALA A 153 -4.58 3.65 -11.96
N LEU A 154 -4.07 3.87 -10.73
CA LEU A 154 -3.32 5.05 -10.39
C LEU A 154 -2.01 4.96 -11.11
N VAL A 155 -1.27 3.88 -10.92
CA VAL A 155 0.02 3.67 -11.57
C VAL A 155 -0.06 3.80 -13.09
N ARG A 156 -1.05 3.16 -13.69
CA ARG A 156 -1.23 3.23 -15.13
C ARG A 156 -1.42 4.63 -15.66
N THR A 157 -1.94 5.54 -14.84
CA THR A 157 -2.18 6.90 -15.28
C THR A 157 -0.96 7.78 -15.13
N GLY A 158 -0.01 7.34 -14.32
CA GLY A 158 1.19 8.11 -14.10
C GLY A 158 1.18 8.64 -12.69
N MET A 159 0.14 8.27 -11.95
CA MET A 159 -0.02 8.71 -10.57
C MET A 159 0.63 7.71 -9.64
N ASP A 160 0.65 8.04 -8.35
CA ASP A 160 1.25 7.18 -7.35
C ASP A 160 0.19 6.50 -6.48
N PRO A 161 0.52 5.32 -5.95
CA PRO A 161 -0.39 4.56 -5.10
C PRO A 161 -0.83 5.30 -3.84
N ARG A 162 0.02 6.19 -3.33
CA ARG A 162 -0.29 6.96 -2.12
C ARG A 162 -1.42 7.92 -2.41
N MET A 163 -1.66 8.17 -3.68
CA MET A 163 -2.74 9.05 -4.10
C MET A 163 -4.08 8.37 -4.01
N CYS A 164 -4.09 7.23 -3.32
CA CYS A 164 -5.30 6.45 -3.13
C CYS A 164 -6.28 7.19 -2.26
N SER A 165 -5.77 7.96 -1.30
CA SER A 165 -6.64 8.74 -0.42
C SER A 165 -7.17 10.05 -0.98
N LEU A 166 -6.95 10.29 -2.27
CA LEU A 166 -7.44 11.51 -2.94
C LEU A 166 -8.42 10.98 -3.98
N MET A 167 -8.83 9.75 -3.77
CA MET A 167 -9.71 9.04 -4.68
C MET A 167 -11.20 9.05 -4.44
N GLN A 168 -11.67 9.56 -3.31
CA GLN A 168 -13.11 9.57 -3.09
C GLN A 168 -13.88 10.00 -4.34
N GLY A 169 -14.76 9.12 -4.82
CA GLY A 169 -15.56 9.43 -5.98
C GLY A 169 -15.11 8.80 -7.29
N SER A 170 -13.93 8.21 -7.31
CA SER A 170 -13.40 7.60 -8.52
C SER A 170 -14.28 6.61 -9.29
N THR A 171 -15.22 5.93 -8.63
CA THR A 171 -16.06 4.96 -9.34
C THR A 171 -17.46 5.48 -9.55
N LEU A 172 -17.52 6.78 -9.72
CA LEU A 172 -18.74 7.51 -9.91
C LEU A 172 -18.86 7.89 -11.36
N PRO A 173 -20.08 8.18 -11.85
CA PRO A 173 -20.16 8.57 -13.25
C PRO A 173 -19.69 10.00 -13.38
N ARG A 174 -19.17 10.36 -14.55
CA ARG A 174 -18.64 11.70 -14.88
C ARG A 174 -19.76 12.67 -15.14
N ARG A 175 -20.98 12.17 -14.93
CA ARG A 175 -22.21 12.91 -15.12
C ARG A 175 -22.74 13.22 -13.72
N SER A 176 -23.70 14.17 -13.62
CA SER A 176 -24.27 14.64 -12.34
C SER A 176 -23.23 15.40 -11.54
N GLY A 177 -22.56 16.18 -12.38
CA GLY A 177 -21.47 17.12 -12.17
C GLY A 177 -21.45 17.78 -10.81
N ALA A 178 -22.49 18.52 -10.41
CA ALA A 178 -22.52 19.14 -9.07
C ALA A 178 -22.34 18.11 -7.95
N ALA A 179 -23.12 17.04 -8.03
CA ALA A 179 -23.04 15.99 -7.01
C ALA A 179 -21.68 15.28 -7.05
N GLY A 180 -21.30 14.91 -8.27
CA GLY A 180 -20.01 14.28 -8.54
C GLY A 180 -18.91 15.21 -8.07
N ALA A 181 -19.06 16.46 -8.56
CA ALA A 181 -18.17 17.59 -8.25
C ALA A 181 -18.05 17.78 -6.69
N ALA A 182 -19.13 17.59 -5.89
CA ALA A 182 -19.05 17.79 -4.44
C ALA A 182 -18.42 16.63 -3.71
N VAL A 183 -18.69 15.43 -4.15
CA VAL A 183 -18.18 14.25 -3.48
C VAL A 183 -16.85 13.78 -4.02
N LYS A 184 -16.49 14.14 -5.26
CA LYS A 184 -15.22 13.73 -5.85
C LYS A 184 -13.99 14.41 -5.21
N GLY A 185 -12.91 13.66 -5.08
CA GLY A 185 -11.67 14.17 -4.50
C GLY A 185 -10.58 14.51 -5.50
N VAL A 186 -9.67 15.40 -5.10
CA VAL A 186 -8.59 15.85 -5.97
C VAL A 186 -8.10 14.78 -6.92
N GLY A 187 -7.73 13.62 -6.39
CA GLY A 187 -7.24 12.55 -7.24
C GLY A 187 -8.23 12.14 -8.32
N THR A 188 -9.50 11.99 -7.95
CA THR A 188 -10.50 11.62 -8.92
C THR A 188 -10.49 12.69 -10.04
N MET A 189 -10.35 13.95 -9.67
CA MET A 189 -10.32 15.03 -10.65
C MET A 189 -9.01 15.01 -11.44
N VAL A 190 -7.89 14.96 -10.73
CA VAL A 190 -6.61 14.89 -11.42
C VAL A 190 -6.68 13.72 -12.40
N MET A 191 -7.09 12.55 -11.91
CA MET A 191 -7.18 11.39 -12.77
C MET A 191 -8.01 11.64 -14.03
N GLU A 192 -9.17 12.27 -13.87
CA GLU A 192 -10.03 12.55 -15.03
C GLU A 192 -9.26 13.39 -16.04
N LEU A 193 -8.91 14.61 -15.63
CA LEU A 193 -8.16 15.51 -16.47
C LEU A 193 -6.95 14.82 -17.10
N ILE A 194 -6.16 14.14 -16.28
CA ILE A 194 -4.98 13.44 -16.76
C ILE A 194 -5.28 12.57 -17.96
N ARG A 195 -6.49 12.03 -18.03
CA ARG A 195 -6.81 11.17 -19.16
C ARG A 195 -7.10 11.95 -20.43
N MET A 196 -7.84 13.05 -20.31
CA MET A 196 -8.13 13.83 -21.49
C MET A 196 -6.83 14.25 -22.14
N ILE A 197 -5.93 14.81 -21.34
CA ILE A 197 -4.66 15.26 -21.85
C ILE A 197 -3.99 14.17 -22.68
N LYS A 198 -4.31 12.91 -22.34
CA LYS A 198 -3.77 11.78 -23.07
C LYS A 198 -4.53 11.58 -24.29
N ARG A 199 -5.81 11.45 -24.14
CA ARG A 199 -6.50 11.22 -25.39
C ARG A 199 -6.37 12.46 -26.25
N GLY A 200 -6.27 13.64 -25.67
CA GLY A 200 -6.06 14.81 -26.51
C GLY A 200 -4.64 14.81 -27.09
N ILE A 201 -3.65 14.53 -26.22
CA ILE A 201 -2.29 14.42 -26.60
C ILE A 201 -2.15 13.39 -27.78
N ASN A 202 -2.78 12.23 -27.63
CA ASN A 202 -2.71 11.12 -28.58
C ASN A 202 -3.50 11.34 -29.87
N ASP A 203 -4.80 11.58 -29.74
CA ASP A 203 -5.56 12.04 -30.91
C ASP A 203 -5.21 13.49 -31.20
N ARG A 204 -4.87 13.76 -32.46
CA ARG A 204 -4.59 15.11 -32.93
C ARG A 204 -5.80 16.04 -32.89
N ASN A 205 -6.96 15.48 -33.25
CA ASN A 205 -8.20 16.23 -33.38
C ASN A 205 -8.78 16.66 -32.04
N PHE A 206 -8.26 16.13 -30.96
CA PHE A 206 -8.99 16.16 -29.71
C PHE A 206 -9.34 17.57 -29.26
N TRP A 207 -8.41 18.51 -29.38
CA TRP A 207 -8.70 19.90 -28.99
C TRP A 207 -8.98 20.88 -30.07
N ARG A 208 -9.22 20.41 -31.21
CA ARG A 208 -9.58 21.29 -32.26
C ARG A 208 -10.73 20.60 -32.89
N GLY A 209 -11.66 21.40 -33.28
CA GLY A 209 -12.83 20.85 -33.87
C GLY A 209 -13.98 21.06 -32.95
N GLU A 210 -15.17 20.65 -33.42
CA GLU A 210 -16.41 20.76 -32.61
C GLU A 210 -16.24 20.04 -31.28
N ASN A 211 -15.52 18.92 -31.27
CA ASN A 211 -15.27 18.20 -30.00
C ASN A 211 -14.37 19.07 -29.09
N GLY A 212 -13.49 19.89 -29.68
CA GLY A 212 -12.67 20.75 -28.82
C GLY A 212 -13.55 21.71 -28.09
N ARG A 213 -14.53 22.26 -28.83
CA ARG A 213 -15.52 23.19 -28.30
C ARG A 213 -16.42 22.51 -27.29
N ARG A 214 -16.80 21.26 -27.55
CA ARG A 214 -17.61 20.48 -26.65
C ARG A 214 -16.76 19.95 -25.49
N THR A 215 -15.55 19.50 -25.77
CA THR A 215 -14.68 18.96 -24.72
C THR A 215 -13.88 20.04 -24.02
N ARG A 216 -13.39 21.02 -24.77
CA ARG A 216 -12.62 22.11 -24.21
C ARG A 216 -13.43 22.74 -23.08
N ILE A 217 -14.71 22.96 -23.33
CA ILE A 217 -15.56 23.54 -22.30
C ILE A 217 -15.70 22.53 -21.15
N ALA A 218 -15.65 21.25 -21.49
CA ALA A 218 -15.74 20.20 -20.48
C ALA A 218 -14.44 20.25 -19.68
N TYR A 219 -13.32 20.04 -20.39
CA TYR A 219 -11.99 20.08 -19.80
C TYR A 219 -11.94 21.23 -18.81
N GLU A 220 -12.37 22.39 -19.26
CA GLU A 220 -12.38 23.55 -18.41
C GLU A 220 -13.18 23.37 -17.14
N ARG A 221 -14.49 23.12 -17.29
CA ARG A 221 -15.36 22.93 -16.13
C ARG A 221 -14.68 22.06 -15.09
N MET A 222 -14.04 21.01 -15.57
CA MET A 222 -13.34 20.06 -14.73
C MET A 222 -12.27 20.75 -13.93
N CYS A 223 -11.50 21.61 -14.60
CA CYS A 223 -10.43 22.32 -13.92
C CYS A 223 -10.99 23.18 -12.79
N ASN A 224 -12.12 23.83 -13.06
CA ASN A 224 -12.76 24.67 -12.07
C ASN A 224 -13.24 23.86 -10.89
N ILE A 225 -13.84 22.70 -11.18
CA ILE A 225 -14.33 21.82 -10.13
C ILE A 225 -13.15 21.44 -9.24
N LEU A 226 -12.07 20.98 -9.87
CA LEU A 226 -10.86 20.59 -9.14
C LEU A 226 -10.37 21.77 -8.35
N LYS A 227 -10.24 22.90 -9.05
CA LYS A 227 -9.76 24.15 -8.48
C LYS A 227 -10.52 24.55 -7.23
N GLY A 228 -11.83 24.38 -7.27
CA GLY A 228 -12.64 24.72 -6.13
C GLY A 228 -12.62 23.65 -5.06
N LYS A 229 -11.56 22.85 -5.05
CA LYS A 229 -11.43 21.78 -4.06
C LYS A 229 -10.17 22.04 -3.29
N PHE A 230 -9.42 23.02 -3.77
CA PHE A 230 -8.19 23.44 -3.19
C PHE A 230 -8.39 24.63 -2.28
N GLN A 231 -7.61 24.71 -1.21
CA GLN A 231 -7.71 25.77 -0.22
C GLN A 231 -6.66 26.84 -0.36
N THR A 232 -5.38 26.46 -0.43
CA THR A 232 -4.32 27.46 -0.54
C THR A 232 -4.43 28.21 -1.86
N ALA A 233 -4.23 29.52 -1.80
CA ALA A 233 -4.29 30.32 -2.98
C ALA A 233 -3.31 29.88 -4.07
N ALA A 234 -2.20 29.27 -3.65
CA ALA A 234 -1.21 28.83 -4.64
C ALA A 234 -1.76 27.68 -5.50
N GLN A 235 -2.32 26.66 -4.84
CA GLN A 235 -2.91 25.51 -5.56
C GLN A 235 -3.94 26.02 -6.55
N ARG A 236 -4.89 26.79 -6.02
CA ARG A 236 -5.94 27.36 -6.84
C ARG A 236 -5.42 27.99 -8.14
N THR A 237 -4.56 29.00 -8.01
CA THR A 237 -4.00 29.71 -9.16
C THR A 237 -3.15 28.83 -10.06
N MET A 238 -2.57 27.76 -9.50
CA MET A 238 -1.77 26.85 -10.33
C MET A 238 -2.69 26.05 -11.25
N VAL A 239 -3.88 25.69 -10.74
CA VAL A 239 -4.84 24.95 -11.55
C VAL A 239 -5.22 25.85 -12.73
N ASP A 240 -5.37 27.15 -12.45
CA ASP A 240 -5.70 28.15 -13.46
C ASP A 240 -4.67 28.14 -14.59
N GLN A 241 -3.40 28.10 -14.23
CA GLN A 241 -2.36 28.06 -15.25
C GLN A 241 -2.57 26.82 -16.09
N VAL A 242 -2.77 25.69 -15.41
CA VAL A 242 -3.00 24.42 -16.09
C VAL A 242 -4.21 24.44 -17.05
N ARG A 243 -5.25 25.21 -16.71
CA ARG A 243 -6.43 25.26 -17.56
C ARG A 243 -6.29 26.29 -18.66
N GLU A 244 -5.30 27.15 -18.56
CA GLU A 244 -5.09 28.18 -19.56
C GLU A 244 -4.36 27.67 -20.81
N SER A 245 -3.81 26.46 -20.72
CA SER A 245 -3.12 25.89 -21.87
C SER A 245 -4.18 25.48 -22.88
N ARG A 246 -3.99 25.83 -24.14
CA ARG A 246 -4.97 25.48 -25.18
C ARG A 246 -4.65 24.15 -25.84
N ASN A 247 -3.47 23.63 -25.55
CA ASN A 247 -3.05 22.35 -26.10
C ASN A 247 -2.32 21.60 -25.01
N PRO A 248 -3.08 21.08 -24.02
CA PRO A 248 -2.53 20.33 -22.89
C PRO A 248 -1.60 19.20 -23.31
N GLY A 249 -0.42 19.15 -22.67
CA GLY A 249 0.55 18.12 -22.99
C GLY A 249 1.32 17.64 -21.77
N ASN A 250 2.54 17.14 -22.01
CA ASN A 250 3.35 16.64 -20.91
C ASN A 250 3.48 17.64 -19.77
N ALA A 251 3.59 18.92 -20.09
CA ALA A 251 3.74 19.94 -19.06
C ALA A 251 2.56 20.02 -18.08
N GLU A 252 1.34 20.05 -18.62
CA GLU A 252 0.13 20.13 -17.80
C GLU A 252 -0.06 18.83 -17.05
N PHE A 253 0.55 17.78 -17.57
CA PHE A 253 0.46 16.47 -16.96
C PHE A 253 1.21 16.46 -15.65
N GLU A 254 2.44 16.95 -15.67
CA GLU A 254 3.26 17.00 -14.47
C GLU A 254 2.70 17.97 -13.48
N ASP A 255 2.01 18.99 -13.95
CA ASP A 255 1.46 19.96 -13.01
C ASP A 255 0.33 19.31 -12.21
N LEU A 256 -0.56 18.60 -12.90
CA LEU A 256 -1.66 17.94 -12.20
C LEU A 256 -1.09 16.86 -11.28
N ILE A 257 -0.10 16.11 -11.75
CA ILE A 257 0.52 15.13 -10.86
C ILE A 257 0.99 15.92 -9.63
N PHE A 258 1.57 17.10 -9.87
CA PHE A 258 2.07 17.95 -8.80
C PHE A 258 0.95 18.36 -7.88
N LEU A 259 -0.13 18.89 -8.46
CA LEU A 259 -1.26 19.27 -7.61
C LEU A 259 -1.65 18.04 -6.82
N ALA A 260 -1.76 16.90 -7.50
CA ALA A 260 -2.15 15.63 -6.90
C ALA A 260 -1.36 15.27 -5.63
N ARG A 261 -0.08 15.59 -5.61
CA ARG A 261 0.72 15.31 -4.44
C ARG A 261 0.52 16.39 -3.37
N SER A 262 0.35 17.64 -3.80
CA SER A 262 0.14 18.68 -2.82
C SER A 262 -1.08 18.34 -1.97
N ALA A 263 -2.03 17.64 -2.59
CA ALA A 263 -3.28 17.27 -1.90
C ALA A 263 -3.04 16.34 -0.75
N LEU A 264 -1.95 15.59 -0.83
CA LEU A 264 -1.60 14.66 0.22
C LEU A 264 -1.33 15.39 1.52
N ILE A 265 -0.64 16.52 1.42
CA ILE A 265 -0.35 17.28 2.63
C ILE A 265 -1.36 18.38 2.88
N LEU A 266 -1.64 19.21 1.88
CA LEU A 266 -2.59 20.30 2.05
C LEU A 266 -3.87 19.71 1.52
N ARG A 267 -4.64 19.14 2.44
CA ARG A 267 -5.89 18.48 2.10
C ARG A 267 -6.83 19.41 1.37
N GLY A 268 -7.65 18.84 0.49
CA GLY A 268 -8.60 19.62 -0.26
C GLY A 268 -9.88 19.77 0.52
N SER A 269 -10.91 20.27 -0.13
CA SER A 269 -12.23 20.44 0.48
C SER A 269 -13.18 19.51 -0.25
N VAL A 270 -13.42 18.34 0.33
CA VAL A 270 -14.30 17.39 -0.34
C VAL A 270 -15.57 17.10 0.46
N ALA A 271 -16.71 17.26 -0.18
CA ALA A 271 -17.98 16.99 0.46
C ALA A 271 -18.06 15.51 0.80
N HIS A 272 -18.93 15.18 1.76
CA HIS A 272 -19.12 13.80 2.20
C HIS A 272 -20.53 13.67 2.73
N LYS A 273 -21.39 13.05 1.94
CA LYS A 273 -22.78 12.87 2.35
C LYS A 273 -23.06 11.44 2.80
N SER A 274 -23.58 11.30 4.00
CA SER A 274 -23.88 9.99 4.54
C SER A 274 -25.17 9.42 4.00
N CYS A 275 -25.06 8.59 2.98
CA CYS A 275 -26.24 7.99 2.38
C CYS A 275 -26.41 6.56 2.85
N LEU A 276 -27.64 6.12 3.03
CA LEU A 276 -27.86 4.77 3.50
C LEU A 276 -28.56 3.92 2.50
N PRO A 277 -28.42 2.60 2.62
CA PRO A 277 -29.08 1.66 1.70
C PRO A 277 -30.59 1.88 1.73
N ALA A 278 -31.23 1.78 0.56
CA ALA A 278 -32.68 1.96 0.44
C ALA A 278 -33.44 1.07 1.43
N CYS A 279 -32.95 -0.15 1.59
CA CYS A 279 -33.58 -1.08 2.50
C CYS A 279 -33.64 -0.53 3.91
N VAL A 280 -32.73 0.37 4.25
CA VAL A 280 -32.75 0.96 5.58
C VAL A 280 -33.75 2.10 5.64
N TYR A 281 -34.02 2.71 4.49
CA TYR A 281 -35.00 3.78 4.46
C TYR A 281 -36.35 3.09 4.29
N GLY A 282 -36.38 2.11 3.39
CA GLY A 282 -37.62 1.37 3.13
C GLY A 282 -38.15 0.66 4.35
N SER A 283 -37.24 0.20 5.19
CA SER A 283 -37.58 -0.52 6.40
C SER A 283 -38.17 0.36 7.50
N ALA A 284 -37.80 1.64 7.51
CA ALA A 284 -38.28 2.59 8.51
C ALA A 284 -39.66 3.16 8.17
N VAL A 285 -39.88 3.48 6.90
CA VAL A 285 -41.16 4.04 6.50
C VAL A 285 -42.26 3.00 6.71
N ALA A 286 -41.94 1.74 6.42
CA ALA A 286 -42.90 0.65 6.56
C ALA A 286 -43.20 0.33 8.04
N SER A 287 -42.36 0.80 8.95
CA SER A 287 -42.60 0.55 10.37
C SER A 287 -43.42 1.71 10.93
N GLY A 288 -43.65 2.72 10.10
CA GLY A 288 -44.45 3.85 10.52
C GLY A 288 -43.73 5.18 10.55
N TYR A 289 -42.45 5.22 10.20
CA TYR A 289 -41.73 6.50 10.23
C TYR A 289 -42.19 7.47 9.15
N ASP A 290 -42.48 8.70 9.57
CA ASP A 290 -42.92 9.74 8.66
C ASP A 290 -41.79 10.76 8.49
N PHE A 291 -40.93 10.54 7.49
CA PHE A 291 -39.79 11.44 7.30
C PHE A 291 -40.08 12.87 6.85
N GLU A 292 -40.72 13.05 5.71
CA GLU A 292 -40.98 14.41 5.22
C GLU A 292 -41.55 15.30 6.32
N ARG A 293 -42.26 14.67 7.24
CA ARG A 293 -42.89 15.37 8.37
C ARG A 293 -41.89 15.66 9.49
N GLU A 294 -41.33 14.61 10.07
CA GLU A 294 -40.37 14.74 11.15
C GLU A 294 -39.21 15.56 10.60
N GLY A 295 -38.80 15.21 9.37
CA GLY A 295 -37.72 15.91 8.71
C GLY A 295 -36.44 15.11 8.72
N TYR A 296 -35.53 15.45 7.82
CA TYR A 296 -34.27 14.73 7.73
C TYR A 296 -33.13 15.65 7.34
N SER A 297 -31.93 15.26 7.73
CA SER A 297 -30.71 15.97 7.38
C SER A 297 -29.68 14.85 7.26
N LEU A 298 -28.58 15.07 6.56
CA LEU A 298 -27.58 14.01 6.45
C LEU A 298 -26.40 14.48 7.28
N VAL A 299 -26.59 15.62 7.93
CA VAL A 299 -25.55 16.27 8.74
C VAL A 299 -25.46 15.91 10.21
N GLY A 300 -26.61 15.73 10.85
CA GLY A 300 -26.65 15.43 12.26
C GLY A 300 -26.91 13.98 12.68
N ILE A 301 -27.78 13.84 13.64
CA ILE A 301 -28.02 12.50 14.19
C ILE A 301 -28.95 11.57 13.37
N ASP A 302 -29.72 12.13 12.47
CA ASP A 302 -30.67 11.39 11.64
C ASP A 302 -30.19 10.07 11.06
N PRO A 303 -29.03 10.06 10.33
CA PRO A 303 -28.41 8.83 9.71
C PRO A 303 -27.68 8.01 10.77
N PHE A 304 -27.33 8.62 11.91
CA PHE A 304 -26.75 7.86 12.98
C PHE A 304 -27.85 7.04 13.68
N ARG A 305 -28.93 7.69 14.11
CA ARG A 305 -29.98 6.96 14.78
C ARG A 305 -30.75 6.07 13.86
N LEU A 306 -30.98 6.53 12.63
CA LEU A 306 -31.65 5.64 11.67
C LEU A 306 -30.78 4.39 11.50
N LEU A 307 -29.48 4.59 11.63
CA LEU A 307 -28.55 3.43 11.53
C LEU A 307 -28.52 2.58 12.77
N GLN A 308 -28.82 3.25 13.88
CA GLN A 308 -28.88 2.75 15.24
C GLN A 308 -29.81 1.60 15.40
N ASN A 309 -31.04 1.77 14.98
CA ASN A 309 -32.00 0.68 15.14
C ASN A 309 -31.96 -0.17 13.91
N SER A 310 -30.79 -0.19 13.30
CA SER A 310 -30.58 -0.84 12.03
C SER A 310 -30.69 -2.36 12.12
N GLN A 311 -31.30 -2.92 11.07
CA GLN A 311 -31.42 -4.39 10.95
C GLN A 311 -31.19 -4.84 9.51
N VAL A 312 -29.92 -4.82 9.13
CA VAL A 312 -29.43 -5.08 7.79
C VAL A 312 -28.63 -6.35 7.67
N TYR A 313 -29.07 -7.29 6.89
CA TYR A 313 -28.35 -8.53 6.74
C TYR A 313 -27.40 -8.54 5.55
N SER A 314 -26.57 -9.56 5.51
CA SER A 314 -25.60 -9.74 4.43
C SER A 314 -25.20 -11.18 4.15
N LEU A 315 -25.26 -11.56 2.89
CA LEU A 315 -24.80 -12.88 2.50
C LEU A 315 -23.34 -12.80 2.86
N ILE A 316 -22.83 -13.75 3.63
CA ILE A 316 -21.42 -13.69 3.99
C ILE A 316 -20.74 -14.93 3.39
N ARG A 317 -19.46 -14.81 3.03
CA ARG A 317 -18.75 -15.94 2.42
C ARG A 317 -17.97 -16.84 3.38
N PRO A 318 -17.76 -18.11 2.97
CA PRO A 318 -17.01 -19.05 3.81
C PRO A 318 -15.71 -18.41 4.26
N ASN A 319 -15.47 -18.44 5.57
CA ASN A 319 -14.26 -17.86 6.17
C ASN A 319 -14.22 -16.35 6.25
N GLU A 320 -15.35 -15.68 6.10
CA GLU A 320 -15.31 -14.23 6.19
C GLU A 320 -15.65 -13.86 7.59
N ASN A 321 -15.21 -12.67 7.99
CA ASN A 321 -15.47 -12.19 9.33
C ASN A 321 -16.65 -11.25 9.34
N PRO A 322 -17.78 -11.70 9.90
CA PRO A 322 -18.99 -10.89 9.97
C PRO A 322 -18.70 -9.52 10.56
N ALA A 323 -17.80 -9.47 11.54
CA ALA A 323 -17.44 -8.21 12.16
C ALA A 323 -16.86 -7.28 11.10
N HIS A 324 -16.04 -7.84 10.21
CA HIS A 324 -15.41 -7.07 9.15
C HIS A 324 -16.34 -6.65 8.02
N LYS A 325 -17.17 -7.56 7.53
CA LYS A 325 -18.09 -7.21 6.45
C LYS A 325 -18.91 -6.02 6.94
N SER A 326 -19.13 -5.97 8.24
CA SER A 326 -19.89 -4.90 8.86
C SER A 326 -19.11 -3.58 8.86
N GLN A 327 -17.84 -3.62 9.24
CA GLN A 327 -17.03 -2.39 9.29
C GLN A 327 -17.19 -1.71 7.95
N LEU A 328 -17.12 -2.52 6.90
CA LEU A 328 -17.25 -2.05 5.55
C LEU A 328 -18.50 -1.23 5.30
N VAL A 329 -19.64 -1.82 5.61
CA VAL A 329 -20.91 -1.18 5.39
C VAL A 329 -21.02 0.01 6.33
N TRP A 330 -20.52 -0.15 7.55
CA TRP A 330 -20.54 0.96 8.50
C TRP A 330 -19.81 2.10 7.82
N MET A 331 -18.53 1.87 7.54
CA MET A 331 -17.65 2.82 6.90
C MET A 331 -18.26 3.55 5.70
N ALA A 332 -18.98 2.82 4.84
CA ALA A 332 -19.57 3.48 3.69
C ALA A 332 -20.82 4.28 4.07
N CYS A 333 -21.58 3.82 5.05
CA CYS A 333 -22.79 4.52 5.47
C CYS A 333 -22.45 5.93 6.00
N HIS A 334 -21.24 6.11 6.56
CA HIS A 334 -20.82 7.35 7.23
C HIS A 334 -19.69 8.06 6.51
N SER A 335 -19.48 7.58 5.31
CA SER A 335 -18.53 8.20 4.44
C SER A 335 -17.12 8.39 5.04
N ALA A 336 -16.58 7.30 5.69
CA ALA A 336 -15.31 7.32 6.39
C ALA A 336 -14.20 6.41 5.84
N ALA A 337 -14.11 6.16 4.54
CA ALA A 337 -13.03 5.34 4.03
C ALA A 337 -11.79 6.21 4.04
N PHE A 338 -11.98 7.53 3.80
CA PHE A 338 -10.82 8.40 3.77
C PHE A 338 -10.69 9.11 5.10
N GLU A 339 -11.23 8.48 6.12
CA GLU A 339 -11.16 9.04 7.42
C GLU A 339 -10.06 8.43 8.28
N ASP A 340 -9.33 9.30 8.98
CA ASP A 340 -8.25 8.84 9.85
C ASP A 340 -8.84 7.75 10.71
N LEU A 341 -8.27 6.56 10.61
CA LEU A 341 -8.81 5.45 11.37
C LEU A 341 -8.92 5.65 12.86
N ARG A 342 -8.29 6.69 13.38
CA ARG A 342 -8.35 6.97 14.81
C ARG A 342 -9.57 7.82 15.11
N VAL A 343 -9.94 8.64 14.14
CA VAL A 343 -11.12 9.46 14.32
C VAL A 343 -12.32 8.54 14.26
N SER A 344 -12.45 7.82 13.15
CA SER A 344 -13.56 6.88 13.00
C SER A 344 -13.71 6.02 14.27
N SER A 345 -12.69 5.26 14.62
CA SER A 345 -12.75 4.41 15.80
C SER A 345 -13.38 5.01 17.07
N PHE A 346 -12.91 6.19 17.47
CA PHE A 346 -13.43 6.86 18.66
C PHE A 346 -14.94 6.91 18.64
N ILE A 347 -15.47 7.10 17.43
CA ILE A 347 -16.90 7.19 17.19
C ILE A 347 -17.58 5.84 16.99
N ARG A 348 -16.95 4.94 16.23
CA ARG A 348 -17.55 3.64 15.99
C ARG A 348 -17.87 3.04 17.34
N GLY A 349 -16.84 2.94 18.16
CA GLY A 349 -17.01 2.35 19.47
C GLY A 349 -16.08 1.17 19.56
N THR A 350 -15.48 0.82 18.43
CA THR A 350 -14.52 -0.29 18.34
C THR A 350 -13.47 0.13 17.31
N LYS A 351 -12.28 -0.44 17.40
CA LYS A 351 -11.22 -0.09 16.44
C LYS A 351 -11.76 -0.28 15.04
N VAL A 352 -11.32 0.59 14.13
CA VAL A 352 -11.73 0.51 12.73
C VAL A 352 -10.39 0.33 12.05
N VAL A 353 -10.03 -0.93 11.80
CA VAL A 353 -8.74 -1.26 11.20
C VAL A 353 -8.58 -0.88 9.72
N PRO A 354 -7.38 -1.09 9.16
CA PRO A 354 -7.03 -0.81 7.76
C PRO A 354 -7.61 -1.94 6.88
N ARG A 355 -8.02 -1.60 5.67
CA ARG A 355 -8.57 -2.60 4.77
C ARG A 355 -7.72 -3.86 4.81
N GLY A 356 -6.41 -3.69 4.74
CA GLY A 356 -5.49 -4.80 4.75
C GLY A 356 -5.70 -5.86 5.82
N LYS A 357 -6.25 -5.48 6.97
CA LYS A 357 -6.43 -6.46 8.04
C LYS A 357 -7.85 -7.01 8.04
N LEU A 358 -8.67 -6.55 7.07
CA LEU A 358 -10.06 -7.03 6.94
C LEU A 358 -10.05 -8.44 6.32
N SER A 359 -11.20 -9.11 6.32
CA SER A 359 -11.30 -10.47 5.89
C SER A 359 -12.50 -10.73 5.04
N THR A 360 -13.15 -9.68 4.61
CA THR A 360 -14.22 -9.88 3.69
C THR A 360 -13.72 -9.54 2.32
N ARG A 361 -14.53 -9.90 1.34
CA ARG A 361 -14.16 -9.67 -0.06
C ARG A 361 -15.12 -8.71 -0.78
N GLY A 362 -16.08 -8.24 -0.08
CA GLY A 362 -17.01 -7.32 -0.70
C GLY A 362 -18.42 -7.70 -0.34
N VAL A 363 -19.29 -6.71 -0.31
CA VAL A 363 -20.65 -6.98 0.05
C VAL A 363 -21.49 -7.25 -1.19
N GLN A 364 -20.79 -7.65 -2.27
CA GLN A 364 -21.50 -8.04 -3.48
C GLN A 364 -21.33 -9.55 -3.61
N ILE A 365 -21.97 -10.09 -4.60
CA ILE A 365 -21.76 -11.49 -4.92
C ILE A 365 -21.56 -11.63 -6.42
N ALA A 366 -20.47 -12.29 -6.81
CA ALA A 366 -20.15 -12.50 -8.22
C ALA A 366 -21.00 -13.63 -8.81
N SER A 367 -21.20 -13.59 -10.13
CA SER A 367 -21.99 -14.63 -10.80
C SER A 367 -21.35 -15.97 -10.50
N ASN A 368 -20.03 -15.98 -10.61
CA ASN A 368 -19.26 -17.18 -10.40
C ASN A 368 -19.43 -17.79 -9.00
N GLU A 369 -19.77 -16.97 -8.03
CA GLU A 369 -19.89 -17.46 -6.65
C GLU A 369 -20.80 -18.67 -6.40
N ASN A 370 -20.27 -19.64 -5.66
CA ASN A 370 -20.99 -20.85 -5.32
C ASN A 370 -21.91 -20.46 -4.18
N MET A 371 -23.21 -20.47 -4.45
CA MET A 371 -24.14 -20.08 -3.42
C MET A 371 -24.51 -21.23 -2.50
N GLU A 372 -24.06 -22.42 -2.85
CA GLU A 372 -24.31 -23.59 -2.02
C GLU A 372 -23.68 -23.37 -0.64
N THR A 373 -22.50 -22.77 -0.64
CA THR A 373 -21.68 -22.48 0.54
C THR A 373 -22.00 -21.18 1.20
N MET A 374 -22.82 -20.36 0.55
CA MET A 374 -23.15 -19.03 1.06
C MET A 374 -23.76 -18.93 2.47
N GLU A 375 -23.31 -17.95 3.23
CA GLU A 375 -23.80 -17.75 4.59
C GLU A 375 -24.68 -16.50 4.69
N SER A 376 -25.19 -16.21 5.88
CA SER A 376 -26.07 -15.07 6.10
C SER A 376 -25.81 -14.47 7.47
N SER A 377 -25.66 -13.15 7.54
CA SER A 377 -25.40 -12.52 8.83
C SER A 377 -25.95 -11.13 9.02
N THR A 378 -25.98 -10.71 10.29
CA THR A 378 -26.48 -9.40 10.69
C THR A 378 -25.36 -8.38 10.86
N LEU A 379 -25.31 -7.44 9.94
CA LEU A 379 -24.30 -6.40 9.97
C LEU A 379 -24.45 -5.66 11.28
N GLU A 380 -23.33 -5.25 11.89
CA GLU A 380 -23.41 -4.48 13.13
C GLU A 380 -23.15 -3.08 12.66
N LEU A 381 -24.22 -2.31 12.45
CA LEU A 381 -24.05 -0.98 11.92
C LEU A 381 -24.24 0.21 12.82
N ARG A 382 -24.07 0.08 14.13
CA ARG A 382 -24.24 1.27 14.96
C ARG A 382 -22.91 1.87 15.38
N SER A 383 -22.98 2.88 16.24
CA SER A 383 -21.81 3.60 16.72
C SER A 383 -22.01 4.00 18.19
N ARG A 384 -20.97 4.51 18.85
CA ARG A 384 -21.12 4.90 20.24
C ARG A 384 -21.38 6.38 20.42
N TYR A 385 -21.19 7.15 19.36
CA TYR A 385 -21.46 8.58 19.39
C TYR A 385 -21.93 8.98 18.01
N TRP A 386 -22.30 10.24 17.86
CA TRP A 386 -22.62 10.73 16.54
C TRP A 386 -21.77 11.98 16.53
N ALA A 387 -21.46 12.47 15.34
CA ALA A 387 -20.63 13.65 15.27
C ALA A 387 -20.98 14.51 14.10
N ILE A 388 -20.60 15.77 14.21
CA ILE A 388 -20.85 16.71 13.15
C ILE A 388 -19.59 16.91 12.37
N ARG A 389 -19.75 16.95 11.06
CA ARG A 389 -18.63 17.19 10.19
C ARG A 389 -19.09 17.27 8.73
N SER A 415 5.33 26.87 -12.08
CA SER A 415 6.79 27.06 -11.93
C SER A 415 7.08 27.80 -10.63
N ASP A 416 6.75 29.09 -10.61
CA ASP A 416 6.95 29.90 -9.41
C ASP A 416 6.02 29.29 -8.37
N MET A 417 4.82 28.93 -8.82
CA MET A 417 3.80 28.33 -7.97
C MET A 417 4.21 27.02 -7.30
N ARG A 418 4.82 26.13 -8.06
CA ARG A 418 5.27 24.85 -7.52
C ARG A 418 6.02 25.11 -6.24
N THR A 419 6.90 26.09 -6.31
CA THR A 419 7.73 26.46 -5.19
C THR A 419 6.93 27.00 -4.00
N GLU A 420 5.97 27.88 -4.27
CA GLU A 420 5.15 28.44 -3.21
C GLU A 420 4.47 27.26 -2.49
N ILE A 421 3.90 26.36 -3.30
CA ILE A 421 3.21 25.18 -2.79
C ILE A 421 4.11 24.23 -1.98
N ILE A 422 5.28 23.88 -2.54
CA ILE A 422 6.22 23.01 -1.84
C ILE A 422 6.37 23.48 -0.39
N ARG A 423 6.87 24.69 -0.24
CA ARG A 423 7.08 25.30 1.07
C ARG A 423 5.81 25.21 1.92
N LEU A 424 4.66 25.50 1.34
CA LEU A 424 3.42 25.39 2.10
C LEU A 424 3.29 23.99 2.68
N MET A 425 3.88 23.00 1.99
CA MET A 425 3.85 21.59 2.41
C MET A 425 4.86 21.31 3.51
N GLU A 426 6.04 21.91 3.39
CA GLU A 426 7.10 21.75 4.36
C GLU A 426 6.64 22.21 5.72
N SER A 427 5.94 23.33 5.73
CA SER A 427 5.44 23.94 6.96
C SER A 427 4.10 23.40 7.42
N ALA A 428 3.59 22.39 6.72
CA ALA A 428 2.30 21.79 7.07
C ALA A 428 2.33 21.16 8.47
N ARG A 429 1.19 21.18 9.15
CA ARG A 429 1.11 20.63 10.49
C ARG A 429 0.19 19.42 10.61
N PRO A 430 0.46 18.55 11.61
CA PRO A 430 -0.34 17.35 11.85
C PRO A 430 -1.58 17.67 12.70
N GLY A 437 -9.97 17.27 13.43
CA GLY A 437 -10.80 16.56 14.40
C GLY A 437 -12.23 17.07 14.40
N ARG A 438 -13.16 16.23 14.91
CA ARG A 438 -14.59 16.55 14.97
C ARG A 438 -15.23 16.46 16.37
N GLY A 439 -16.35 17.17 16.56
CA GLY A 439 -17.07 17.17 17.84
C GLY A 439 -18.10 16.06 17.97
N VAL A 440 -17.96 15.24 18.99
CA VAL A 440 -18.85 14.11 19.18
C VAL A 440 -19.84 14.35 20.30
N PHE A 441 -21.01 13.73 20.18
CA PHE A 441 -22.06 13.86 21.19
C PHE A 441 -22.73 12.51 21.42
N GLU A 442 -23.08 12.20 22.67
CA GLU A 442 -23.75 10.95 22.94
C GLU A 442 -24.94 10.92 22.03
N LEU A 443 -25.37 9.73 21.64
CA LEU A 443 -26.54 9.61 20.79
C LEU A 443 -27.68 10.42 21.38
N SER A 444 -28.03 10.10 22.62
CA SER A 444 -29.13 10.77 23.31
C SER A 444 -29.05 12.31 23.40
N ASP A 445 -27.88 12.90 23.17
CA ASP A 445 -27.83 14.34 23.22
C ASP A 445 -28.25 14.90 21.87
N GLU A 446 -29.55 14.93 21.64
CA GLU A 446 -30.10 15.42 20.38
C GLU A 446 -29.38 16.66 19.85
N LYS A 447 -29.39 17.67 20.72
CA LYS A 447 -28.82 18.98 20.43
C LYS A 447 -27.36 19.05 20.78
N ALA A 448 -26.79 20.18 20.39
CA ALA A 448 -25.40 20.44 20.70
C ALA A 448 -25.27 20.97 22.12
N THR A 449 -25.84 20.26 23.07
CA THR A 449 -25.81 20.65 24.50
C THR A 449 -24.41 20.48 25.11
N SER A 450 -23.77 19.35 24.83
CA SER A 450 -22.44 19.09 25.43
C SER A 450 -21.57 18.19 24.56
N PRO A 451 -20.55 18.84 23.92
CA PRO A 451 -19.59 18.15 23.07
C PRO A 451 -18.65 17.30 23.91
N ILE A 452 -18.65 16.02 23.66
CA ILE A 452 -17.78 15.10 24.35
C ILE A 452 -16.40 15.31 23.83
N VAL A 453 -15.48 15.03 24.66
CA VAL A 453 -14.18 15.25 24.20
C VAL A 453 -13.65 13.99 23.66
N PRO A 454 -12.85 14.17 22.64
CA PRO A 454 -12.33 12.99 22.10
C PRO A 454 -11.08 12.56 22.84
N SER A 455 -11.05 11.29 23.21
CA SER A 455 -9.91 10.65 23.79
C SER A 455 -9.45 9.67 22.77
N PHE A 456 -8.62 10.20 21.89
CA PHE A 456 -7.97 9.47 20.82
C PHE A 456 -6.69 8.91 21.32
N ASP A 457 -6.31 7.88 20.61
CA ASP A 457 -5.08 7.14 20.80
C ASP A 457 -4.19 7.52 19.60
N MET A 458 -3.08 8.28 19.77
CA MET A 458 -2.28 8.73 18.62
C MET A 458 -1.17 7.82 18.10
N SER A 459 -0.98 6.68 18.75
CA SER A 459 0.04 5.71 18.36
C SER A 459 -0.52 4.64 17.40
N ASN A 460 -1.84 4.69 17.20
CA ASN A 460 -2.55 3.73 16.32
C ASN A 460 -2.68 4.06 14.85
N GLU A 461 -2.81 2.99 14.01
CA GLU A 461 -2.96 3.04 12.55
C GLU A 461 -4.02 4.06 12.22
N GLY A 462 -3.66 5.01 11.35
CA GLY A 462 -4.59 6.04 10.98
C GLY A 462 -5.07 5.88 9.55
N SER A 463 -4.23 5.29 8.72
CA SER A 463 -4.55 5.10 7.31
C SER A 463 -5.25 3.79 6.95
N TYR A 464 -6.35 3.93 6.22
CA TYR A 464 -7.14 2.81 5.78
C TYR A 464 -6.53 2.16 4.54
N PHE A 465 -5.51 2.80 3.94
CA PHE A 465 -4.93 2.26 2.70
C PHE A 465 -3.54 1.63 2.74
N PHE A 466 -2.82 1.76 3.83
CA PHE A 466 -1.49 1.17 3.86
C PHE A 466 -1.58 -0.33 4.03
N GLY A 467 -1.14 -1.07 3.01
CA GLY A 467 -1.14 -2.52 2.99
C GLY A 467 -2.48 -2.97 2.47
N ASP A 468 -2.94 -2.29 1.40
CA ASP A 468 -4.29 -2.55 0.80
C ASP A 468 -4.37 -3.97 0.26
N ASN A 469 -5.50 -4.59 0.54
CA ASN A 469 -5.74 -5.98 0.18
C ASN A 469 -6.95 -6.12 -0.69
N ALA A 470 -7.62 -5.03 -0.87
CA ALA A 470 -8.85 -5.06 -1.64
C ALA A 470 -8.68 -5.43 -3.09
N GLU A 471 -9.79 -5.80 -3.70
CA GLU A 471 -9.82 -6.08 -5.13
C GLU A 471 -9.66 -4.73 -5.79
N GLU A 472 -9.25 -4.81 -7.09
CA GLU A 472 -9.19 -3.66 -7.97
C GLU A 472 -10.53 -3.45 -8.67
N TYR A 473 -10.98 -2.22 -8.66
CA TYR A 473 -12.25 -1.87 -9.26
C TYR A 473 -12.18 -1.87 -10.77
N ASP A 474 -12.29 -3.03 -11.38
CA ASP A 474 -12.45 -3.12 -12.82
C ASP A 474 -13.77 -2.47 -13.20
N ASN A 475 -14.80 -2.76 -12.41
CA ASN A 475 -16.17 -2.28 -12.62
C ASN A 475 -17.16 -3.21 -11.95
N ASN B 21 42.86 1.56 15.48
CA ASN B 21 42.21 2.85 15.26
C ASN B 21 41.48 2.74 13.92
N ALA B 22 42.22 2.90 12.83
CA ALA B 22 41.68 2.70 11.50
C ALA B 22 42.23 1.54 10.67
N THR B 23 43.55 1.39 10.70
CA THR B 23 44.28 0.55 9.77
C THR B 23 43.95 -0.93 9.83
N GLU B 24 43.77 -1.47 11.03
CA GLU B 24 43.53 -2.90 11.19
C GLU B 24 42.14 -3.34 10.73
N ILE B 25 41.11 -2.60 11.13
CA ILE B 25 39.75 -2.98 10.81
C ILE B 25 39.55 -2.95 9.32
N ARG B 26 40.07 -1.90 8.71
CA ARG B 26 40.07 -1.72 7.29
C ARG B 26 40.90 -2.76 6.54
N ALA B 27 41.83 -3.41 7.20
CA ALA B 27 42.66 -4.44 6.58
C ALA B 27 41.91 -5.76 6.72
N SER B 28 41.59 -6.11 7.97
CA SER B 28 40.91 -7.38 8.27
C SER B 28 39.68 -7.60 7.39
N VAL B 29 38.91 -6.56 7.15
CA VAL B 29 37.74 -6.63 6.26
C VAL B 29 38.26 -6.76 4.84
N GLY B 30 39.29 -5.97 4.55
CA GLY B 30 39.89 -6.01 3.23
C GLY B 30 40.25 -7.43 2.82
N LYS B 31 40.76 -8.18 3.78
CA LYS B 31 41.18 -9.56 3.55
C LYS B 31 39.98 -10.45 3.31
N MET B 32 38.85 -10.05 3.89
CA MET B 32 37.61 -10.79 3.75
C MET B 32 37.09 -10.64 2.33
N ILE B 33 37.08 -9.40 1.84
CA ILE B 33 36.63 -9.12 0.49
C ILE B 33 37.48 -9.97 -0.45
N ASP B 34 38.80 -9.83 -0.29
CA ASP B 34 39.75 -10.56 -1.09
C ASP B 34 39.43 -12.06 -1.07
N GLY B 35 39.08 -12.58 0.11
CA GLY B 35 38.76 -13.99 0.21
C GLY B 35 37.56 -14.37 -0.66
N ILE B 36 36.49 -13.61 -0.53
CA ILE B 36 35.30 -13.89 -1.33
C ILE B 36 35.70 -13.79 -2.79
N GLY B 37 36.37 -12.70 -3.12
CA GLY B 37 36.83 -12.48 -4.48
C GLY B 37 37.51 -13.71 -5.02
N ARG B 38 38.53 -14.19 -4.32
CA ARG B 38 39.26 -15.37 -4.74
C ARG B 38 38.32 -16.55 -4.82
N PHE B 39 37.67 -16.88 -3.70
CA PHE B 39 36.77 -18.02 -3.72
C PHE B 39 35.91 -17.98 -4.95
N TYR B 40 35.43 -16.80 -5.31
CA TYR B 40 34.56 -16.71 -6.47
C TYR B 40 35.30 -16.99 -7.77
N ILE B 41 36.51 -16.44 -7.88
CA ILE B 41 37.29 -16.63 -9.09
C ILE B 41 37.51 -18.11 -9.32
N GLN B 42 37.98 -18.79 -8.27
CA GLN B 42 38.25 -20.20 -8.33
C GLN B 42 37.02 -20.98 -8.75
N MET B 43 35.97 -20.89 -7.96
CA MET B 43 34.78 -21.61 -8.29
C MET B 43 34.36 -21.27 -9.70
N CYS B 44 34.62 -20.01 -10.06
CA CYS B 44 34.30 -19.62 -11.40
C CYS B 44 34.95 -20.61 -12.39
N THR B 45 36.19 -21.05 -12.08
CA THR B 45 36.94 -22.00 -12.93
C THR B 45 36.52 -23.42 -12.78
N GLU B 46 36.20 -23.88 -11.58
CA GLU B 46 35.73 -25.29 -11.53
C GLU B 46 34.44 -25.37 -12.35
N LEU B 47 33.62 -24.33 -12.28
CA LEU B 47 32.34 -24.32 -12.97
C LEU B 47 32.55 -23.96 -14.42
N LYS B 48 33.73 -23.41 -14.62
CA LYS B 48 34.32 -23.05 -15.90
C LYS B 48 33.51 -22.08 -16.78
N LEU B 49 32.90 -21.06 -16.16
CA LEU B 49 32.12 -20.04 -16.91
C LEU B 49 32.96 -18.94 -17.53
N SER B 50 32.44 -18.50 -18.65
CA SER B 50 33.02 -17.44 -19.40
C SER B 50 32.89 -16.18 -18.68
N ASP B 51 33.75 -15.37 -19.05
CA ASP B 51 33.71 -14.06 -18.37
C ASP B 51 32.29 -13.54 -18.22
N TYR B 52 31.51 -13.55 -19.30
CA TYR B 52 30.15 -13.03 -19.25
C TYR B 52 29.35 -13.79 -18.20
N GLU B 53 29.32 -15.11 -18.39
CA GLU B 53 28.59 -16.01 -17.51
C GLU B 53 29.05 -15.83 -16.07
N GLY B 54 30.33 -15.50 -15.89
CA GLY B 54 30.85 -15.30 -14.56
C GLY B 54 30.44 -13.96 -13.99
N ARG B 55 29.87 -13.11 -14.84
CA ARG B 55 29.42 -11.79 -14.41
C ARG B 55 27.91 -11.73 -14.34
N LEU B 56 27.26 -12.86 -14.56
CA LEU B 56 25.84 -12.96 -14.45
C LEU B 56 25.47 -13.07 -12.94
N ILE B 57 24.48 -12.25 -12.50
CA ILE B 57 23.99 -12.17 -11.12
C ILE B 57 23.43 -13.50 -10.60
N GLN B 58 22.65 -14.23 -11.43
CA GLN B 58 22.12 -15.51 -11.03
C GLN B 58 23.27 -16.47 -10.87
N ASN B 59 24.36 -16.32 -11.60
CA ASN B 59 25.42 -17.28 -11.36
C ASN B 59 26.11 -16.94 -10.04
N SER B 60 26.22 -15.67 -9.71
CA SER B 60 26.88 -15.23 -8.47
C SER B 60 26.06 -15.66 -7.25
N LEU B 61 24.75 -15.64 -7.38
CA LEU B 61 23.84 -16.00 -6.29
C LEU B 61 23.83 -17.50 -6.02
N THR B 62 24.00 -18.27 -7.09
CA THR B 62 23.97 -19.70 -7.07
C THR B 62 25.28 -20.30 -6.54
N ILE B 63 26.41 -19.65 -6.71
CA ILE B 63 27.64 -20.20 -6.16
C ILE B 63 27.77 -19.74 -4.71
N GLU B 64 27.30 -18.50 -4.51
CA GLU B 64 27.19 -17.79 -3.24
C GLU B 64 26.38 -18.55 -2.22
N ARG B 65 25.34 -19.17 -2.73
CA ARG B 65 24.40 -19.93 -1.94
C ARG B 65 25.00 -21.29 -1.63
N MET B 66 25.79 -21.81 -2.56
CA MET B 66 26.46 -23.07 -2.29
C MET B 66 27.38 -22.94 -1.06
N VAL B 67 28.29 -21.97 -1.11
CA VAL B 67 29.33 -21.74 -0.05
C VAL B 67 28.68 -21.80 1.32
N LEU B 68 27.58 -21.01 1.46
CA LEU B 68 26.75 -20.89 2.70
C LEU B 68 26.06 -22.20 3.04
N SER B 69 25.51 -22.85 2.04
CA SER B 69 24.85 -24.13 2.27
C SER B 69 25.81 -25.12 2.99
N ALA B 70 26.97 -25.29 2.40
CA ALA B 70 28.02 -26.18 2.92
C ALA B 70 28.38 -25.84 4.39
N PHE B 71 28.77 -24.60 4.64
CA PHE B 71 29.25 -24.23 5.95
C PHE B 71 28.18 -24.22 7.03
N ASP B 72 26.94 -24.04 6.61
CA ASP B 72 25.78 -24.04 7.45
C ASP B 72 25.54 -25.44 8.03
N GLU B 73 25.44 -26.45 7.16
CA GLU B 73 25.24 -27.84 7.58
C GLU B 73 24.00 -28.14 8.47
N ARG B 74 22.82 -27.69 8.00
CA ARG B 74 21.42 -27.80 8.56
C ARG B 74 21.18 -27.18 9.96
N ARG B 75 21.85 -26.08 10.27
CA ARG B 75 21.55 -25.46 11.57
C ARG B 75 20.75 -24.18 11.40
N ASN B 76 20.57 -23.71 10.16
CA ASN B 76 19.85 -22.52 9.85
C ASN B 76 20.58 -21.29 10.41
N LYS B 77 21.89 -21.19 10.13
CA LYS B 77 22.68 -20.06 10.63
C LYS B 77 23.16 -19.12 9.53
N TYR B 78 23.28 -19.67 8.30
CA TYR B 78 23.75 -18.92 7.13
C TYR B 78 22.71 -18.84 6.00
N LEU B 79 22.38 -20.04 5.42
CA LEU B 79 21.40 -20.10 4.32
C LEU B 79 20.25 -21.09 4.46
N GLU B 80 19.04 -20.50 4.56
CA GLU B 80 17.75 -21.14 4.78
C GLU B 80 17.15 -21.73 3.48
N LYS B 90 21.61 -34.89 -1.08
CA LYS B 90 22.81 -35.49 -1.66
C LYS B 90 24.03 -34.58 -1.47
N LYS B 91 23.95 -33.36 -2.00
CA LYS B 91 25.04 -32.40 -1.91
C LYS B 91 24.51 -31.04 -2.18
N THR B 92 25.35 -30.06 -2.13
CA THR B 92 24.92 -28.71 -2.40
C THR B 92 24.95 -28.48 -3.89
N GLY B 93 23.96 -27.78 -4.43
CA GLY B 93 23.90 -27.56 -5.85
C GLY B 93 23.13 -26.27 -6.15
N GLY B 94 22.83 -25.99 -7.39
CA GLY B 94 22.16 -24.75 -7.71
C GLY B 94 22.21 -24.65 -9.23
N PRO B 95 21.62 -23.61 -9.85
CA PRO B 95 21.58 -23.44 -11.31
C PRO B 95 22.71 -22.61 -11.84
N ILE B 96 23.34 -23.17 -12.86
CA ILE B 96 24.45 -22.55 -13.53
C ILE B 96 23.99 -22.16 -14.92
N TYR B 97 24.07 -20.86 -15.24
CA TYR B 97 23.67 -20.37 -16.58
C TYR B 97 24.87 -20.07 -17.44
N ARG B 98 24.90 -20.79 -18.54
CA ARG B 98 25.93 -20.68 -19.53
C ARG B 98 25.30 -20.47 -20.88
N ARG B 99 25.68 -19.40 -21.59
CA ARG B 99 25.03 -19.18 -22.88
C ARG B 99 25.76 -19.81 -24.04
N VAL B 100 25.09 -20.79 -24.61
CA VAL B 100 25.52 -21.44 -25.81
C VAL B 100 24.23 -21.75 -26.54
N ASP B 101 24.14 -21.48 -27.83
CA ASP B 101 25.01 -20.59 -28.57
C ASP B 101 24.13 -19.42 -28.98
N GLY B 102 23.16 -19.08 -28.16
CA GLY B 102 22.22 -18.04 -28.55
C GLY B 102 20.89 -18.21 -27.87
N LYS B 103 20.88 -19.13 -26.92
CA LYS B 103 19.87 -19.30 -25.93
C LYS B 103 20.69 -19.57 -24.68
N TRP B 104 20.08 -19.40 -23.51
CA TRP B 104 20.74 -19.73 -22.26
C TRP B 104 20.24 -21.06 -21.78
N ARG B 105 21.10 -21.83 -21.12
CA ARG B 105 20.69 -23.07 -20.51
C ARG B 105 20.76 -23.13 -19.01
N ARG B 106 19.70 -23.64 -18.42
CA ARG B 106 19.63 -23.87 -16.98
C ARG B 106 20.38 -25.13 -16.57
N GLU B 107 21.67 -25.01 -16.28
CA GLU B 107 22.45 -26.15 -15.84
C GLU B 107 22.26 -26.36 -14.33
N LEU B 108 21.96 -27.58 -13.89
CA LEU B 108 21.74 -27.83 -12.48
C LEU B 108 22.78 -28.72 -11.92
N ILE B 109 23.76 -28.10 -11.40
CA ILE B 109 24.85 -28.84 -10.87
C ILE B 109 24.68 -28.99 -9.41
N LEU B 110 25.09 -30.14 -9.01
CA LEU B 110 25.14 -30.49 -7.63
C LEU B 110 26.59 -30.80 -7.36
N TYR B 111 27.16 -29.99 -6.48
CA TYR B 111 28.55 -30.24 -6.13
C TYR B 111 28.67 -30.86 -4.73
N ASP B 112 29.84 -31.44 -4.41
CA ASP B 112 30.10 -32.00 -3.10
C ASP B 112 29.96 -30.88 -2.08
N LYS B 113 29.53 -31.14 -0.85
CA LYS B 113 29.46 -30.05 0.12
C LYS B 113 30.88 -29.64 0.69
N GLU B 114 31.81 -30.61 0.77
CA GLU B 114 33.22 -30.50 1.21
C GLU B 114 34.14 -29.99 0.10
N GLU B 115 33.87 -30.41 -1.12
CA GLU B 115 34.65 -29.90 -2.26
C GLU B 115 34.42 -28.41 -2.34
N ILE B 116 33.21 -27.99 -2.06
CA ILE B 116 32.92 -26.56 -2.09
C ILE B 116 33.50 -25.80 -0.91
N ARG B 117 33.30 -26.33 0.29
CA ARG B 117 33.82 -25.62 1.45
C ARG B 117 35.36 -25.67 1.52
N ARG B 118 35.91 -26.75 0.95
CA ARG B 118 37.35 -26.94 0.84
C ARG B 118 37.87 -25.82 -0.04
N ILE B 119 37.19 -25.62 -1.17
CA ILE B 119 37.57 -24.58 -2.11
C ILE B 119 37.49 -23.22 -1.42
N TRP B 120 36.56 -23.08 -0.48
CA TRP B 120 36.40 -21.83 0.26
C TRP B 120 37.57 -21.59 1.18
N ARG B 121 37.99 -22.66 1.85
CA ARG B 121 39.15 -22.60 2.73
C ARG B 121 40.36 -22.14 1.92
N GLN B 122 40.58 -22.81 0.81
CA GLN B 122 41.70 -22.50 -0.06
C GLN B 122 41.77 -21.03 -0.43
N ALA B 123 40.64 -20.45 -0.83
CA ALA B 123 40.64 -19.05 -1.19
C ALA B 123 40.86 -18.15 0.02
N ASN B 124 40.75 -18.72 1.21
CA ASN B 124 40.92 -17.92 2.42
C ASN B 124 42.15 -18.26 3.27
N ASN B 125 43.16 -18.87 2.67
CA ASN B 125 44.36 -19.22 3.43
C ASN B 125 44.10 -20.31 4.48
N GLY B 126 42.93 -20.93 4.42
CA GLY B 126 42.57 -22.02 5.33
C GLY B 126 41.88 -21.53 6.60
N ASP B 127 41.34 -20.31 6.56
CA ASP B 127 40.66 -19.64 7.67
C ASP B 127 39.13 -19.63 7.51
N ASP B 128 38.37 -19.79 8.60
CA ASP B 128 36.92 -19.74 8.49
C ASP B 128 36.60 -18.27 8.25
N ALA B 129 35.94 -17.96 7.15
CA ALA B 129 35.57 -16.55 6.92
C ALA B 129 34.21 -16.29 7.54
N THR B 130 34.13 -16.44 8.86
CA THR B 130 32.90 -16.17 9.57
C THR B 130 32.33 -14.86 9.07
N ALA B 131 33.19 -13.86 8.97
CA ALA B 131 32.83 -12.52 8.49
C ALA B 131 32.52 -12.57 7.01
N GLY B 132 33.33 -13.34 6.30
CA GLY B 132 33.18 -13.49 4.88
C GLY B 132 31.83 -14.16 4.57
N LEU B 133 31.48 -15.19 5.31
CA LEU B 133 30.23 -15.90 5.06
C LEU B 133 29.02 -15.03 5.42
N THR B 134 29.08 -14.39 6.57
CA THR B 134 27.98 -13.54 6.99
C THR B 134 27.84 -12.33 6.05
N HIS B 135 28.89 -11.99 5.31
CA HIS B 135 28.89 -10.87 4.39
C HIS B 135 28.01 -11.19 3.16
N MET B 136 28.17 -12.41 2.64
CA MET B 136 27.40 -12.85 1.49
C MET B 136 25.98 -13.06 1.95
N MET B 137 25.83 -13.49 3.21
CA MET B 137 24.52 -13.70 3.80
C MET B 137 23.71 -12.40 3.84
N ILE B 138 24.26 -11.36 4.46
CA ILE B 138 23.59 -10.06 4.56
C ILE B 138 23.28 -9.54 3.16
N TRP B 139 24.15 -9.84 2.21
CA TRP B 139 23.89 -9.47 0.84
C TRP B 139 22.56 -10.08 0.40
N HIS B 140 22.33 -11.37 0.64
CA HIS B 140 21.06 -12.00 0.22
C HIS B 140 19.87 -11.42 0.98
N SER B 141 20.10 -11.10 2.25
CA SER B 141 19.09 -10.50 3.10
C SER B 141 18.78 -9.13 2.48
N ASN B 142 19.84 -8.40 2.17
CA ASN B 142 19.68 -7.11 1.57
C ASN B 142 18.94 -7.20 0.24
N LEU B 143 19.06 -8.33 -0.43
CA LEU B 143 18.37 -8.49 -1.71
C LEU B 143 16.91 -8.78 -1.40
N ASN B 144 16.64 -9.84 -0.67
CA ASN B 144 15.26 -10.18 -0.37
C ASN B 144 14.51 -8.94 0.12
N ASP B 145 15.19 -8.13 0.93
CA ASP B 145 14.62 -6.91 1.49
C ASP B 145 14.04 -5.95 0.45
N ALA B 146 14.74 -5.77 -0.66
CA ALA B 146 14.22 -4.87 -1.66
C ALA B 146 13.33 -5.58 -2.65
N THR B 147 13.24 -6.89 -2.53
CA THR B 147 12.45 -7.63 -3.49
C THR B 147 11.12 -8.18 -2.97
N TYR B 148 11.07 -8.60 -1.70
CA TYR B 148 9.82 -9.19 -1.24
C TYR B 148 9.09 -8.47 -0.09
N GLN B 149 7.77 -8.43 -0.24
CA GLN B 149 6.84 -7.83 0.72
C GLN B 149 6.56 -8.80 1.87
N ARG B 150 6.33 -8.26 3.06
CA ARG B 150 6.07 -9.11 4.22
C ARG B 150 4.85 -8.62 5.00
N THR B 151 4.14 -7.66 4.42
CA THR B 151 2.97 -7.11 5.05
C THR B 151 2.04 -8.22 5.49
N ARG B 152 1.95 -9.27 4.68
CA ARG B 152 1.05 -10.38 4.98
C ARG B 152 1.42 -11.09 6.29
N ALA B 153 2.72 -11.25 6.54
CA ALA B 153 3.19 -11.88 7.76
C ALA B 153 2.96 -10.94 8.95
N LEU B 154 3.15 -9.63 8.73
CA LEU B 154 2.92 -8.64 9.78
C LEU B 154 1.51 -8.80 10.37
N VAL B 155 0.53 -8.76 9.47
CA VAL B 155 -0.89 -8.91 9.80
C VAL B 155 -1.20 -10.23 10.49
N ARG B 156 -0.61 -11.32 10.01
CA ARG B 156 -0.83 -12.62 10.62
C ARG B 156 -0.23 -12.64 12.03
N THR B 157 0.70 -11.73 12.30
CA THR B 157 1.33 -11.67 13.61
C THR B 157 0.73 -10.54 14.46
N GLY B 158 -0.34 -9.95 13.93
CA GLY B 158 -1.00 -8.89 14.67
C GLY B 158 -0.17 -7.63 14.69
N MET B 159 0.53 -7.37 13.60
CA MET B 159 1.34 -6.17 13.53
C MET B 159 0.73 -5.21 12.53
N ASP B 160 1.44 -4.09 12.37
CA ASP B 160 0.99 -3.04 11.45
C ASP B 160 1.65 -3.18 10.10
N PRO B 161 0.89 -2.92 9.03
CA PRO B 161 1.51 -2.95 7.72
C PRO B 161 2.50 -1.81 7.62
N ARG B 162 2.09 -0.68 8.15
CA ARG B 162 2.92 0.48 8.15
C ARG B 162 4.29 0.20 8.81
N MET B 163 4.34 -0.94 9.46
CA MET B 163 5.55 -1.37 10.15
C MET B 163 6.56 -1.98 9.18
N CYS B 164 6.13 -2.04 7.93
CA CYS B 164 6.89 -2.61 6.83
C CYS B 164 8.27 -2.03 6.57
N SER B 165 8.53 -0.83 7.10
CA SER B 165 9.80 -0.15 6.89
C SER B 165 10.75 -0.36 8.06
N LEU B 166 10.42 -1.30 8.91
CA LEU B 166 11.19 -1.64 10.09
C LEU B 166 11.58 -3.09 9.97
N MET B 167 11.41 -3.65 8.77
CA MET B 167 11.69 -5.06 8.55
C MET B 167 13.06 -5.45 8.03
N GLN B 168 14.06 -4.57 8.18
CA GLN B 168 15.39 -4.90 7.70
C GLN B 168 15.84 -6.22 8.30
N GLY B 169 16.39 -7.08 7.45
CA GLY B 169 16.89 -8.37 7.87
C GLY B 169 15.77 -9.33 8.25
N SER B 170 14.56 -8.96 7.91
CA SER B 170 13.46 -9.80 8.23
C SER B 170 13.59 -11.23 7.62
N THR B 171 14.39 -11.34 6.56
CA THR B 171 14.59 -12.57 5.83
C THR B 171 15.90 -13.17 6.15
N LEU B 172 16.35 -12.95 7.35
CA LEU B 172 17.59 -13.58 7.81
C LEU B 172 17.29 -14.88 8.54
N PRO B 173 18.25 -15.78 8.39
CA PRO B 173 18.14 -17.10 9.00
C PRO B 173 17.71 -17.15 10.51
N ARG B 174 17.01 -18.21 10.84
CA ARG B 174 16.56 -18.46 12.18
C ARG B 174 17.77 -18.38 13.17
N ARG B 175 18.92 -18.86 12.75
CA ARG B 175 20.15 -18.97 13.59
C ARG B 175 21.24 -17.91 13.43
N SER B 176 20.87 -16.80 12.79
CA SER B 176 21.76 -15.65 12.45
C SER B 176 22.53 -14.98 13.61
N GLY B 177 23.87 -15.04 13.59
CA GLY B 177 24.72 -14.46 14.59
C GLY B 177 24.53 -12.97 14.89
N ALA B 178 25.45 -12.44 15.71
CA ALA B 178 25.45 -11.03 16.20
C ALA B 178 25.83 -9.97 15.17
N ALA B 179 26.21 -10.44 13.97
CA ALA B 179 26.54 -9.55 12.86
C ALA B 179 25.26 -9.29 12.07
N GLY B 180 24.51 -10.36 11.88
CA GLY B 180 23.23 -10.31 11.17
C GLY B 180 22.18 -9.60 12.00
N ALA B 181 22.16 -9.95 13.27
CA ALA B 181 21.24 -9.37 14.25
C ALA B 181 21.52 -7.87 14.31
N ALA B 182 22.75 -7.52 13.94
CA ALA B 182 23.19 -6.13 13.82
C ALA B 182 22.40 -5.54 12.63
N VAL B 183 22.17 -6.40 11.62
CA VAL B 183 21.46 -5.94 10.42
C VAL B 183 19.94 -6.07 10.52
N LYS B 184 19.42 -6.45 11.70
CA LYS B 184 17.96 -6.61 11.92
C LYS B 184 17.27 -5.33 12.39
N GLY B 185 16.08 -5.10 11.85
CA GLY B 185 15.31 -3.92 12.20
C GLY B 185 14.46 -4.06 13.45
N VAL B 186 13.90 -2.94 13.86
CA VAL B 186 13.09 -2.93 15.04
C VAL B 186 11.92 -3.88 14.85
N GLY B 187 11.28 -3.81 13.69
CA GLY B 187 10.12 -4.67 13.44
C GLY B 187 10.47 -6.16 13.29
N THR B 188 11.70 -6.44 12.88
CA THR B 188 12.13 -7.84 12.69
C THR B 188 12.26 -8.49 14.06
N MET B 189 12.73 -7.72 15.02
CA MET B 189 12.90 -8.22 16.37
C MET B 189 11.55 -8.29 17.06
N VAL B 190 10.71 -7.31 16.80
CA VAL B 190 9.40 -7.30 17.40
C VAL B 190 8.62 -8.47 16.88
N MET B 191 8.76 -8.73 15.59
CA MET B 191 8.05 -9.86 15.03
C MET B 191 8.56 -11.12 15.67
N GLU B 192 9.88 -11.31 15.66
CA GLU B 192 10.45 -12.51 16.24
C GLU B 192 10.00 -12.72 17.68
N LEU B 193 9.95 -11.65 18.47
CA LEU B 193 9.51 -11.77 19.86
C LEU B 193 8.01 -12.15 19.95
N ILE B 194 7.14 -11.37 19.32
CA ILE B 194 5.70 -11.64 19.35
C ILE B 194 5.33 -13.06 18.90
N ARG B 195 6.00 -13.57 17.86
CA ARG B 195 5.72 -14.91 17.33
C ARG B 195 5.97 -16.00 18.33
N MET B 196 6.50 -15.62 19.49
CA MET B 196 6.84 -16.62 20.49
C MET B 196 5.85 -16.66 21.67
N ILE B 197 5.27 -15.51 22.01
CA ILE B 197 4.34 -15.49 23.10
C ILE B 197 3.08 -16.12 22.52
N LYS B 198 2.70 -15.60 21.35
CA LYS B 198 1.58 -16.07 20.57
C LYS B 198 1.64 -17.57 20.30
N ARG B 199 2.86 -18.14 20.21
CA ARG B 199 3.05 -19.58 19.93
C ARG B 199 2.60 -20.56 21.04
N GLY B 200 2.79 -20.38 22.31
CA GLY B 200 2.37 -21.56 23.09
C GLY B 200 1.05 -21.37 23.75
N ILE B 201 0.53 -20.22 23.35
CA ILE B 201 -0.59 -19.62 24.01
C ILE B 201 -1.47 -18.75 23.12
N ARG B 213 14.10 -23.68 29.42
CA ARG B 213 15.07 -22.95 30.22
C ARG B 213 15.89 -22.00 29.36
N ARG B 214 16.17 -22.41 28.13
CA ARG B 214 17.03 -21.58 27.27
C ARG B 214 16.26 -20.71 26.31
N THR B 215 14.94 -20.98 26.22
CA THR B 215 14.08 -20.14 25.41
C THR B 215 14.06 -18.82 26.12
N ARG B 216 14.17 -18.91 27.42
CA ARG B 216 14.15 -17.74 28.26
C ARG B 216 15.31 -16.83 27.94
N ILE B 217 16.53 -17.33 28.12
CA ILE B 217 17.73 -16.57 27.84
C ILE B 217 17.67 -16.05 26.41
N ALA B 218 17.38 -16.96 25.48
CA ALA B 218 17.27 -16.59 24.07
C ALA B 218 16.32 -15.41 23.91
N TYR B 219 15.10 -15.58 24.40
CA TYR B 219 14.08 -14.57 24.32
C TYR B 219 14.42 -13.34 25.14
N GLU B 220 15.41 -13.47 26.00
CA GLU B 220 15.90 -12.39 26.81
C GLU B 220 16.89 -11.67 25.92
N ARG B 221 17.66 -12.47 25.19
CA ARG B 221 18.67 -11.97 24.27
C ARG B 221 18.11 -11.12 23.14
N MET B 222 17.13 -11.65 22.43
CA MET B 222 16.48 -10.90 21.38
C MET B 222 16.09 -9.53 21.92
N CYS B 223 15.51 -9.54 23.12
CA CYS B 223 15.06 -8.32 23.78
C CYS B 223 16.23 -7.35 23.96
N ASN B 224 17.40 -7.90 24.23
CA ASN B 224 18.60 -7.09 24.39
C ASN B 224 18.93 -6.45 23.06
N ILE B 225 18.92 -7.24 21.99
CA ILE B 225 19.22 -6.70 20.66
C ILE B 225 18.24 -5.58 20.35
N LEU B 226 16.94 -5.90 20.38
CA LEU B 226 15.92 -4.89 20.11
C LEU B 226 16.28 -3.65 20.92
N LYS B 227 16.65 -3.87 22.17
CA LYS B 227 17.03 -2.80 23.07
C LYS B 227 18.15 -1.93 22.49
N GLY B 228 19.20 -2.58 22.01
CA GLY B 228 20.32 -1.84 21.45
C GLY B 228 19.93 -1.12 20.18
N LYS B 229 18.70 -1.25 19.77
CA LYS B 229 18.22 -0.61 18.56
C LYS B 229 17.49 0.71 18.82
N PHE B 230 17.10 0.94 20.05
CA PHE B 230 16.41 2.20 20.34
C PHE B 230 17.45 3.24 20.77
N GLN B 231 17.06 4.51 20.74
CA GLN B 231 18.03 5.57 21.05
C GLN B 231 17.73 6.41 22.24
N THR B 232 16.56 6.17 22.75
CA THR B 232 16.10 6.91 23.83
C THR B 232 16.01 6.05 25.07
N ALA B 233 15.89 6.77 26.17
CA ALA B 233 15.80 6.21 27.51
C ALA B 233 14.56 5.30 27.70
N ALA B 234 13.35 5.87 27.63
CA ALA B 234 12.08 5.17 27.81
C ALA B 234 11.89 4.00 26.89
N GLN B 235 12.41 4.11 25.68
CA GLN B 235 12.29 3.00 24.72
C GLN B 235 13.08 1.81 25.11
N ARG B 236 14.17 2.10 25.70
CA ARG B 236 15.01 1.04 26.17
C ARG B 236 14.34 0.32 27.33
N THR B 237 13.86 1.14 28.23
CA THR B 237 13.20 0.67 29.47
C THR B 237 12.12 -0.36 29.26
N MET B 238 11.12 0.00 28.45
CA MET B 238 10.02 -0.90 28.15
C MET B 238 10.56 -2.24 27.74
N VAL B 239 11.60 -2.22 26.91
CA VAL B 239 12.20 -3.46 26.44
C VAL B 239 12.68 -4.23 27.66
N ASP B 240 13.40 -3.57 28.55
CA ASP B 240 13.87 -4.25 29.74
C ASP B 240 12.68 -4.91 30.42
N GLN B 241 11.71 -4.09 30.80
CA GLN B 241 10.51 -4.58 31.45
C GLN B 241 9.88 -5.73 30.64
N VAL B 242 9.97 -5.65 29.32
CA VAL B 242 9.42 -6.71 28.47
C VAL B 242 10.12 -8.04 28.67
N ARG B 243 11.44 -8.03 28.68
CA ARG B 243 12.20 -9.27 28.85
C ARG B 243 12.10 -9.66 30.32
N GLU B 244 11.72 -8.68 31.13
CA GLU B 244 11.55 -8.78 32.57
C GLU B 244 10.23 -9.43 33.09
N SER B 245 9.16 -9.30 32.29
CA SER B 245 7.94 -9.96 32.67
C SER B 245 8.22 -11.41 32.92
N ARG B 246 7.86 -11.79 34.14
CA ARG B 246 8.02 -13.09 34.79
C ARG B 246 7.57 -14.22 33.90
N ASN B 247 6.46 -13.99 33.28
CA ASN B 247 5.98 -14.92 32.32
C ASN B 247 5.41 -14.12 31.12
N PRO B 248 5.63 -14.48 29.85
CA PRO B 248 5.13 -13.78 28.65
C PRO B 248 3.64 -13.43 28.67
N GLY B 249 3.29 -12.16 28.48
CA GLY B 249 1.90 -11.74 28.58
C GLY B 249 1.46 -10.80 27.46
N ASN B 250 0.15 -10.67 27.34
CA ASN B 250 -0.53 -9.84 26.34
C ASN B 250 -0.12 -8.36 26.43
N ALA B 251 0.51 -8.00 27.54
CA ALA B 251 0.97 -6.64 27.80
C ALA B 251 2.16 -6.34 26.90
N GLU B 252 2.94 -7.38 26.63
CA GLU B 252 4.11 -7.27 25.78
C GLU B 252 3.65 -7.26 24.31
N PHE B 253 2.74 -8.18 23.98
CA PHE B 253 2.19 -8.26 22.63
C PHE B 253 1.89 -6.81 22.29
N GLU B 254 1.23 -6.15 23.23
CA GLU B 254 0.87 -4.74 23.08
C GLU B 254 2.07 -3.84 23.26
N ASP B 255 2.87 -4.09 24.29
CA ASP B 255 4.05 -3.25 24.52
C ASP B 255 5.06 -3.29 23.39
N LEU B 256 5.20 -4.45 22.78
CA LEU B 256 6.13 -4.57 21.66
C LEU B 256 5.47 -3.87 20.48
N ILE B 257 4.21 -4.20 20.23
CA ILE B 257 3.49 -3.56 19.16
C ILE B 257 3.60 -2.05 19.34
N PHE B 258 3.45 -1.58 20.58
CA PHE B 258 3.54 -0.15 20.81
C PHE B 258 4.94 0.40 20.58
N LEU B 259 5.97 -0.39 20.91
CA LEU B 259 7.32 0.09 20.69
C LEU B 259 7.67 0.05 19.21
N ALA B 260 7.15 -0.97 18.52
CA ALA B 260 7.39 -1.10 17.10
C ALA B 260 6.87 0.16 16.41
N ARG B 261 5.76 0.68 16.92
CA ARG B 261 5.14 1.88 16.36
C ARG B 261 5.94 3.13 16.64
N SER B 262 6.57 3.21 17.80
CA SER B 262 7.37 4.37 18.15
C SER B 262 8.58 4.52 17.23
N ALA B 263 9.13 3.39 16.81
CA ALA B 263 10.30 3.41 15.94
C ALA B 263 10.01 4.06 14.60
N LEU B 264 8.72 4.18 14.26
CA LEU B 264 8.30 4.78 12.99
C LEU B 264 8.42 6.29 13.04
N ILE B 265 8.37 6.86 14.23
CA ILE B 265 8.48 8.29 14.37
C ILE B 265 9.82 8.55 15.02
N LEU B 266 10.07 7.85 16.12
CA LEU B 266 11.35 7.97 16.81
C LEU B 266 12.25 6.91 16.21
N ARG B 267 12.82 7.26 15.06
CA ARG B 267 13.70 6.34 14.38
C ARG B 267 14.72 5.81 15.38
N GLY B 268 15.15 4.59 15.23
CA GLY B 268 16.11 4.08 16.18
C GLY B 268 17.53 3.99 15.59
N SER B 269 18.20 2.85 15.72
CA SER B 269 19.52 2.69 15.14
C SER B 269 19.84 1.26 14.71
N VAL B 270 19.30 0.92 13.54
CA VAL B 270 19.54 -0.40 12.97
C VAL B 270 20.76 -0.31 12.05
N ALA B 271 21.69 -1.24 12.23
CA ALA B 271 22.92 -1.26 11.44
C ALA B 271 22.70 -1.69 10.00
N HIS B 272 23.20 -0.90 9.06
CA HIS B 272 23.09 -1.22 7.64
C HIS B 272 24.48 -1.61 7.16
N LYS B 273 24.58 -2.59 6.26
CA LYS B 273 25.87 -3.01 5.75
C LYS B 273 25.84 -3.20 4.25
N SER B 274 26.56 -2.36 3.53
CA SER B 274 26.59 -2.45 2.07
C SER B 274 27.44 -3.64 1.59
N CYS B 275 26.75 -4.68 1.12
CA CYS B 275 27.36 -5.90 0.63
C CYS B 275 27.01 -6.12 -0.82
N LEU B 276 28.02 -6.43 -1.63
CA LEU B 276 27.82 -6.61 -3.05
C LEU B 276 27.90 -8.07 -3.47
N PRO B 277 27.45 -8.38 -4.69
CA PRO B 277 27.50 -9.76 -5.17
C PRO B 277 28.93 -10.28 -5.09
N ALA B 278 29.08 -11.59 -5.15
CA ALA B 278 30.40 -12.21 -5.10
C ALA B 278 31.11 -11.92 -6.43
N CYS B 279 30.32 -11.91 -7.51
CA CYS B 279 30.84 -11.63 -8.84
C CYS B 279 31.63 -10.29 -8.89
N VAL B 280 31.00 -9.29 -8.27
CA VAL B 280 31.56 -7.94 -8.21
C VAL B 280 32.93 -7.94 -7.53
N TYR B 281 33.03 -8.59 -6.37
CA TYR B 281 34.29 -8.74 -5.65
C TYR B 281 35.28 -9.59 -6.37
N GLY B 282 34.81 -10.72 -6.88
CA GLY B 282 35.65 -11.68 -7.58
C GLY B 282 36.37 -10.98 -8.72
N SER B 283 35.55 -10.38 -9.57
CA SER B 283 35.97 -9.54 -10.69
C SER B 283 37.04 -8.55 -10.23
N ALA B 284 36.69 -7.71 -9.27
CA ALA B 284 37.63 -6.73 -8.74
C ALA B 284 39.00 -7.33 -8.55
N VAL B 285 39.09 -8.47 -7.81
CA VAL B 285 40.41 -9.04 -7.55
C VAL B 285 41.06 -9.55 -8.83
N ALA B 286 40.26 -9.95 -9.82
CA ALA B 286 40.81 -10.42 -11.06
C ALA B 286 41.47 -9.27 -11.72
N SER B 287 41.03 -8.09 -11.34
CA SER B 287 41.61 -6.92 -11.95
C SER B 287 43.06 -6.75 -11.52
N GLY B 288 43.29 -7.35 -10.33
CA GLY B 288 44.54 -7.29 -9.67
C GLY B 288 44.35 -6.49 -8.39
N TYR B 289 43.26 -5.73 -8.29
CA TYR B 289 43.09 -4.96 -7.05
C TYR B 289 43.40 -5.83 -5.84
N ASP B 290 44.18 -5.30 -4.90
CA ASP B 290 44.53 -6.08 -3.72
C ASP B 290 44.03 -5.46 -2.42
N PHE B 291 42.78 -5.82 -2.10
CA PHE B 291 42.03 -5.34 -0.94
C PHE B 291 42.71 -5.46 0.42
N GLU B 292 43.36 -6.59 0.66
CA GLU B 292 44.06 -6.82 1.91
C GLU B 292 45.05 -5.70 2.20
N ARG B 293 45.73 -5.23 1.17
CA ARG B 293 46.72 -4.18 1.32
C ARG B 293 46.20 -2.77 1.08
N GLU B 294 45.29 -2.63 0.14
CA GLU B 294 44.72 -1.31 -0.15
C GLU B 294 43.76 -0.92 0.96
N GLY B 295 43.10 -1.93 1.53
CA GLY B 295 42.16 -1.69 2.60
C GLY B 295 40.76 -1.42 2.06
N TYR B 296 39.76 -1.94 2.75
CA TYR B 296 38.37 -1.74 2.34
C TYR B 296 37.51 -1.33 3.54
N SER B 297 36.35 -0.76 3.25
CA SER B 297 35.43 -0.34 4.30
C SER B 297 34.04 -0.12 3.70
N LEU B 298 33.05 -0.80 4.28
CA LEU B 298 31.66 -0.65 3.80
C LEU B 298 31.00 0.64 4.26
N VAL B 299 31.65 1.35 5.18
CA VAL B 299 31.17 2.65 5.69
C VAL B 299 31.53 3.79 4.76
N GLY B 300 32.08 3.51 3.58
CA GLY B 300 32.49 4.68 2.82
C GLY B 300 32.36 4.60 1.30
N ILE B 301 33.27 5.29 0.64
CA ILE B 301 33.32 5.36 -0.82
C ILE B 301 33.69 4.02 -1.46
N ASP B 302 34.38 3.16 -0.73
CA ASP B 302 34.79 1.86 -1.29
C ASP B 302 33.67 1.07 -1.98
N PRO B 303 32.58 0.75 -1.27
CA PRO B 303 31.51 0.00 -1.90
C PRO B 303 31.05 0.69 -3.17
N PHE B 304 31.09 2.02 -3.16
CA PHE B 304 30.67 2.80 -4.31
C PHE B 304 31.61 2.69 -5.49
N ARG B 305 32.85 3.13 -5.31
CA ARG B 305 33.83 3.07 -6.40
C ARG B 305 33.93 1.67 -6.98
N LEU B 306 33.86 0.64 -6.13
CA LEU B 306 33.95 -0.71 -6.62
C LEU B 306 32.77 -1.01 -7.55
N LEU B 307 31.62 -0.38 -7.27
CA LEU B 307 30.43 -0.59 -8.10
C LEU B 307 30.42 0.36 -9.29
N GLN B 308 30.91 1.57 -9.07
CA GLN B 308 30.95 2.56 -10.13
C GLN B 308 31.61 1.90 -11.34
N ASN B 309 32.78 1.29 -11.13
CA ASN B 309 33.50 0.67 -12.24
C ASN B 309 33.19 -0.83 -12.44
N SER B 310 32.21 -1.40 -11.70
CA SER B 310 31.81 -2.81 -11.68
C SER B 310 30.65 -3.14 -12.64
N GLN B 311 30.98 -4.10 -13.50
CA GLN B 311 30.17 -4.57 -14.61
C GLN B 311 29.47 -5.89 -14.36
N VAL B 312 28.20 -5.84 -13.99
CA VAL B 312 27.45 -7.05 -13.75
C VAL B 312 26.31 -7.13 -14.75
N TYR B 313 26.04 -8.34 -15.25
CA TYR B 313 24.95 -8.49 -16.19
C TYR B 313 23.95 -9.38 -15.51
N SER B 314 22.67 -9.14 -15.80
CA SER B 314 21.63 -9.99 -15.23
C SER B 314 20.68 -10.51 -16.31
N LEU B 315 20.09 -11.67 -16.04
CA LEU B 315 19.11 -12.21 -16.96
C LEU B 315 17.89 -11.34 -16.67
N ILE B 316 17.06 -11.12 -17.67
CA ILE B 316 15.89 -10.30 -17.49
C ILE B 316 14.70 -10.92 -18.21
N ARG B 317 13.66 -11.26 -17.45
CA ARG B 317 12.49 -11.85 -18.06
C ARG B 317 11.93 -10.88 -19.08
N PRO B 318 11.03 -11.34 -19.93
CA PRO B 318 10.44 -10.47 -20.95
C PRO B 318 9.52 -9.39 -20.37
N ASN B 319 9.50 -8.26 -21.07
CA ASN B 319 8.68 -7.13 -20.67
C ASN B 319 9.01 -6.47 -19.33
N GLU B 320 10.15 -6.86 -18.78
CA GLU B 320 10.65 -6.27 -17.55
C GLU B 320 11.55 -5.10 -17.96
N ASN B 321 11.67 -4.10 -17.10
CA ASN B 321 12.48 -2.93 -17.39
C ASN B 321 13.92 -3.08 -16.82
N PRO B 322 14.91 -3.34 -17.68
CA PRO B 322 16.30 -3.50 -17.23
C PRO B 322 16.71 -2.45 -16.21
N ALA B 323 16.15 -1.25 -16.34
CA ALA B 323 16.46 -0.15 -15.42
C ALA B 323 15.86 -0.39 -14.02
N HIS B 324 14.70 -1.03 -13.98
CA HIS B 324 14.07 -1.32 -12.70
C HIS B 324 14.81 -2.48 -12.05
N LYS B 325 15.22 -3.45 -12.86
CA LYS B 325 15.97 -4.61 -12.37
C LYS B 325 17.27 -4.06 -11.79
N SER B 326 17.77 -2.99 -12.42
CA SER B 326 18.99 -2.36 -11.95
C SER B 326 18.72 -1.67 -10.62
N GLN B 327 17.57 -0.99 -10.51
CA GLN B 327 17.22 -0.31 -9.27
C GLN B 327 17.28 -1.31 -8.14
N LEU B 328 16.59 -2.44 -8.38
CA LEU B 328 16.49 -3.53 -7.45
C LEU B 328 17.86 -3.96 -6.92
N VAL B 329 18.80 -4.13 -7.84
CA VAL B 329 20.14 -4.55 -7.49
C VAL B 329 20.89 -3.44 -6.78
N TRP B 330 20.93 -2.26 -7.38
CA TRP B 330 21.63 -1.12 -6.79
C TRP B 330 21.20 -0.95 -5.34
N MET B 331 19.88 -0.95 -5.14
CA MET B 331 19.27 -0.80 -3.82
C MET B 331 19.81 -1.85 -2.86
N ALA B 332 19.74 -3.11 -3.26
CA ALA B 332 20.19 -4.21 -2.44
C ALA B 332 21.68 -4.08 -2.11
N CYS B 333 22.45 -3.58 -3.06
CA CYS B 333 23.88 -3.41 -2.87
C CYS B 333 24.16 -2.37 -1.80
N HIS B 334 23.47 -1.24 -1.90
CA HIS B 334 23.69 -0.20 -0.91
C HIS B 334 22.87 -0.41 0.36
N SER B 335 22.08 -1.47 0.37
CA SER B 335 21.26 -1.79 1.54
C SER B 335 20.28 -0.64 1.81
N ALA B 336 19.71 -0.08 0.75
CA ALA B 336 18.81 1.08 0.87
C ALA B 336 17.30 0.95 0.64
N ALA B 337 16.73 -0.23 0.82
CA ALA B 337 15.30 -0.40 0.62
C ALA B 337 14.49 0.49 1.58
N PHE B 338 14.86 0.47 2.86
CA PHE B 338 14.12 1.25 3.85
C PHE B 338 14.50 2.71 3.87
N GLU B 339 15.29 3.11 2.91
CA GLU B 339 15.74 4.48 2.84
C GLU B 339 14.66 5.35 2.18
N ASP B 340 14.69 6.66 2.45
CA ASP B 340 13.71 7.57 1.85
C ASP B 340 14.02 7.66 0.35
N LEU B 341 13.03 7.40 -0.50
CA LEU B 341 13.29 7.44 -1.93
C LEU B 341 13.92 8.72 -2.47
N ARG B 342 13.60 9.86 -1.88
CA ARG B 342 14.17 11.13 -2.33
C ARG B 342 15.67 11.22 -2.09
N VAL B 343 16.14 10.70 -0.95
CA VAL B 343 17.57 10.73 -0.70
C VAL B 343 18.25 9.75 -1.65
N SER B 344 17.64 8.59 -1.82
CA SER B 344 18.16 7.55 -2.72
C SER B 344 18.19 8.10 -4.14
N SER B 345 17.11 8.73 -4.54
CA SER B 345 17.05 9.26 -5.89
C SER B 345 18.15 10.28 -6.13
N PHE B 346 18.41 11.13 -5.13
CA PHE B 346 19.43 12.17 -5.26
C PHE B 346 20.79 11.55 -5.53
N ILE B 347 21.19 10.63 -4.66
CA ILE B 347 22.47 9.96 -4.78
C ILE B 347 22.59 9.22 -6.09
N ARG B 348 21.62 8.36 -6.40
CA ARG B 348 21.67 7.58 -7.63
C ARG B 348 21.83 8.46 -8.85
N GLY B 349 21.19 9.61 -8.84
CA GLY B 349 21.27 10.48 -9.98
C GLY B 349 20.00 10.31 -10.79
N THR B 350 19.39 9.14 -10.63
CA THR B 350 18.13 8.82 -11.32
C THR B 350 17.08 8.37 -10.31
N LYS B 351 15.83 8.74 -10.59
CA LYS B 351 14.69 8.43 -9.75
C LYS B 351 14.65 6.98 -9.29
N VAL B 352 14.44 6.78 -7.99
CA VAL B 352 14.35 5.43 -7.46
C VAL B 352 12.89 5.32 -7.02
N VAL B 353 12.07 4.70 -7.88
CA VAL B 353 10.65 4.56 -7.64
C VAL B 353 10.28 3.48 -6.65
N PRO B 354 9.04 3.55 -6.15
CA PRO B 354 8.44 2.62 -5.20
C PRO B 354 8.32 1.25 -5.84
N ARG B 355 8.46 0.20 -5.05
CA ARG B 355 8.37 -1.16 -5.58
C ARG B 355 7.05 -1.43 -6.28
N GLY B 356 6.07 -0.56 -6.07
CA GLY B 356 4.78 -0.76 -6.70
C GLY B 356 4.76 -0.29 -8.13
N LYS B 357 5.85 0.37 -8.54
CA LYS B 357 6.03 0.85 -9.89
C LYS B 357 7.14 0.06 -10.63
N LEU B 358 7.88 -0.78 -9.92
CA LEU B 358 8.99 -1.55 -10.50
C LEU B 358 8.62 -2.66 -11.49
N SER B 359 9.03 -2.52 -12.74
CA SER B 359 8.61 -3.46 -13.75
C SER B 359 9.49 -4.74 -13.79
N THR B 360 9.60 -5.39 -12.66
CA THR B 360 10.43 -6.59 -12.48
C THR B 360 9.73 -7.51 -11.52
N ARG B 361 10.30 -8.72 -11.42
CA ARG B 361 9.73 -9.73 -10.59
C ARG B 361 10.74 -10.29 -9.60
N GLY B 362 12.01 -10.14 -9.89
CA GLY B 362 12.99 -10.74 -8.99
C GLY B 362 14.24 -11.05 -9.75
N VAL B 363 15.29 -11.39 -9.02
CA VAL B 363 16.57 -11.67 -9.63
C VAL B 363 16.87 -13.15 -9.82
N GLN B 364 15.96 -14.00 -9.38
CA GLN B 364 16.16 -15.44 -9.50
C GLN B 364 15.21 -15.98 -10.54
N ILE B 365 15.33 -17.28 -10.81
CA ILE B 365 14.44 -17.94 -11.78
C ILE B 365 13.97 -19.23 -11.15
N ALA B 366 12.72 -19.56 -11.41
CA ALA B 366 12.09 -20.77 -10.95
C ALA B 366 12.26 -21.85 -11.99
N SER B 367 12.02 -23.10 -11.59
CA SER B 367 12.18 -24.21 -12.51
C SER B 367 11.00 -24.28 -13.46
N ASN B 368 10.21 -23.20 -13.51
CA ASN B 368 9.04 -23.18 -14.41
C ASN B 368 9.02 -21.96 -15.36
N GLU B 369 10.18 -21.34 -15.54
CA GLU B 369 10.25 -20.19 -16.43
C GLU B 369 10.98 -20.58 -17.74
N ASN B 370 10.31 -20.40 -18.89
CA ASN B 370 10.89 -20.75 -20.20
C ASN B 370 12.19 -20.00 -20.44
N MET B 371 13.21 -20.73 -20.85
CA MET B 371 14.55 -20.16 -21.10
C MET B 371 14.66 -19.55 -22.47
N GLU B 372 13.65 -19.80 -23.30
CA GLU B 372 13.57 -19.28 -24.66
C GLU B 372 12.72 -18.03 -24.75
N THR B 373 12.57 -17.38 -23.60
CA THR B 373 11.84 -16.13 -23.50
C THR B 373 12.77 -15.28 -22.64
N MET B 374 13.98 -15.80 -22.43
CA MET B 374 15.02 -15.16 -21.62
C MET B 374 16.05 -14.48 -22.49
N GLU B 375 16.80 -13.57 -21.87
CA GLU B 375 17.88 -12.88 -22.54
C GLU B 375 18.49 -12.01 -21.46
N SER B 376 19.60 -11.36 -21.75
CA SER B 376 20.25 -10.53 -20.76
C SER B 376 20.44 -9.08 -21.15
N SER B 377 20.85 -8.30 -20.15
CA SER B 377 21.13 -6.91 -20.36
C SER B 377 22.06 -6.54 -19.23
N THR B 378 22.57 -5.32 -19.30
CA THR B 378 23.48 -4.80 -18.31
C THR B 378 22.79 -4.15 -17.14
N LEU B 379 23.26 -4.45 -15.94
CA LEU B 379 22.71 -3.87 -14.73
C LEU B 379 23.46 -2.58 -14.49
N GLU B 380 22.73 -1.46 -14.51
CA GLU B 380 23.29 -0.14 -14.28
C GLU B 380 23.44 0.03 -12.77
N LEU B 381 24.63 -0.25 -12.26
CA LEU B 381 24.87 -0.15 -10.83
C LEU B 381 25.70 1.03 -10.42
N ARG B 382 25.60 2.14 -11.13
CA ARG B 382 26.39 3.31 -10.80
C ARG B 382 25.58 4.30 -9.98
N SER B 383 26.22 5.38 -9.53
CA SER B 383 25.56 6.41 -8.74
C SER B 383 26.17 7.74 -9.16
N ARG B 384 25.50 8.80 -8.90
CA ARG B 384 26.02 10.11 -9.23
C ARG B 384 27.03 10.58 -8.22
N TYR B 385 26.68 10.37 -6.93
CA TYR B 385 27.44 10.74 -5.75
C TYR B 385 27.48 9.59 -4.78
N TRP B 386 28.44 9.65 -3.84
CA TRP B 386 28.65 8.68 -2.77
C TRP B 386 28.51 9.33 -1.40
N ALA B 387 27.91 8.56 -0.46
CA ALA B 387 27.59 9.07 0.89
C ALA B 387 28.09 8.31 2.12
N ILE B 388 27.97 9.05 3.21
CA ILE B 388 28.30 8.60 4.54
C ILE B 388 27.06 7.82 5.08
N ARG B 389 27.32 6.71 5.73
CA ARG B 389 26.30 5.87 6.28
C ARG B 389 25.62 6.65 7.41
N THR B 390 26.19 7.79 7.80
CA THR B 390 25.70 8.52 8.95
C THR B 390 25.82 7.57 10.10
N ARG B 391 27.03 7.03 10.25
CA ARG B 391 27.23 5.99 11.23
C ARG B 391 26.74 6.49 12.58
N SER B 392 25.89 5.65 13.11
CA SER B 392 25.05 5.78 14.24
C SER B 392 25.45 4.78 15.33
N SER B 415 5.63 3.06 36.26
CA SER B 415 6.33 3.67 35.13
C SER B 415 5.48 3.64 33.93
N ASP B 416 4.93 4.74 33.64
CA ASP B 416 4.12 4.82 32.47
C ASP B 416 5.05 5.07 31.24
N MET B 417 5.93 4.13 30.77
CA MET B 417 6.86 4.54 29.68
C MET B 417 6.13 5.26 28.48
N ARG B 418 4.91 4.79 28.12
CA ARG B 418 4.11 5.34 27.00
C ARG B 418 3.85 6.83 27.09
N THR B 419 4.05 7.45 28.20
CA THR B 419 3.83 8.86 28.19
C THR B 419 5.11 9.60 27.77
N GLU B 420 6.29 9.14 28.15
CA GLU B 420 7.59 9.71 27.78
C GLU B 420 7.81 9.57 26.30
N ILE B 421 7.44 8.39 25.86
CA ILE B 421 7.52 7.99 24.49
C ILE B 421 6.58 8.83 23.68
N ILE B 422 5.29 8.68 23.89
CA ILE B 422 4.35 9.46 23.12
C ILE B 422 4.70 10.94 23.10
N ARG B 423 5.12 11.45 24.26
CA ARG B 423 5.52 12.85 24.43
C ARG B 423 6.67 13.22 23.52
N LEU B 424 7.66 12.34 23.42
CA LEU B 424 8.83 12.49 22.56
C LEU B 424 8.40 12.49 21.08
N MET B 425 7.55 11.51 20.77
CA MET B 425 7.02 11.28 19.41
C MET B 425 6.33 12.48 18.86
N GLU B 426 5.53 13.13 19.69
CA GLU B 426 4.80 14.30 19.23
C GLU B 426 5.75 15.42 18.87
N SER B 427 6.90 15.42 19.49
CA SER B 427 7.89 16.47 19.29
C SER B 427 8.96 16.11 18.26
N GLY B 437 23.47 15.37 9.01
CA GLY B 437 23.77 15.70 7.65
C GLY B 437 24.43 14.56 6.86
N ARG B 438 23.57 13.70 6.22
CA ARG B 438 24.01 12.70 5.27
C ARG B 438 24.35 13.54 4.04
N GLY B 439 25.63 13.79 3.79
CA GLY B 439 26.07 14.59 2.70
C GLY B 439 26.67 13.70 1.64
N VAL B 440 26.49 14.20 0.47
CA VAL B 440 26.91 13.57 -0.70
C VAL B 440 28.19 14.18 -1.11
N PHE B 441 29.01 13.45 -1.78
CA PHE B 441 30.24 14.02 -2.31
C PHE B 441 30.50 13.47 -3.69
N GLU B 442 31.23 14.24 -4.49
CA GLU B 442 31.57 13.80 -5.82
C GLU B 442 32.38 12.54 -5.66
N LEU B 443 32.30 11.64 -6.63
CA LEU B 443 33.08 10.41 -6.55
C LEU B 443 34.54 10.78 -6.55
N SER B 444 34.84 11.96 -7.08
CA SER B 444 36.20 12.46 -7.17
C SER B 444 36.74 13.00 -5.85
N ASP B 445 35.84 13.30 -4.91
CA ASP B 445 36.26 13.81 -3.61
C ASP B 445 36.38 12.69 -2.57
N GLU B 446 37.44 11.89 -2.67
CA GLU B 446 37.62 10.79 -1.73
C GLU B 446 37.57 11.21 -0.26
N LYS B 447 38.33 12.23 0.11
CA LYS B 447 38.48 12.68 1.51
C LYS B 447 37.29 13.44 2.19
N ALA B 448 36.07 13.42 1.67
CA ALA B 448 34.95 14.10 2.38
C ALA B 448 35.24 15.57 2.64
N THR B 449 35.91 16.17 1.66
CA THR B 449 36.39 17.55 1.67
C THR B 449 35.34 18.54 1.23
N SER B 450 34.24 18.05 0.72
CA SER B 450 33.23 18.98 0.27
C SER B 450 31.91 18.29 0.29
N PRO B 451 30.97 18.95 0.90
CA PRO B 451 29.66 18.42 1.09
C PRO B 451 28.61 19.11 0.29
N ILE B 452 27.99 18.34 -0.53
CA ILE B 452 26.94 18.91 -1.30
C ILE B 452 25.69 18.85 -0.45
N VAL B 453 24.97 19.94 -0.33
CA VAL B 453 23.72 19.88 0.40
C VAL B 453 22.62 19.42 -0.55
N PRO B 454 22.22 18.17 -0.43
CA PRO B 454 21.23 17.64 -1.30
C PRO B 454 20.02 18.57 -1.38
N SER B 455 19.65 18.93 -2.56
CA SER B 455 18.44 19.66 -2.61
C SER B 455 17.37 18.68 -2.99
N PHE B 456 16.51 18.40 -2.01
CA PHE B 456 15.45 17.48 -2.21
C PHE B 456 14.15 18.22 -2.56
N ASP B 457 13.10 17.45 -2.84
CA ASP B 457 11.76 17.94 -3.17
C ASP B 457 10.74 17.02 -2.54
N MET B 458 9.99 17.50 -1.56
CA MET B 458 9.03 16.64 -0.90
C MET B 458 7.74 16.41 -1.68
N SER B 459 7.73 16.73 -2.96
CA SER B 459 6.56 16.47 -3.77
C SER B 459 6.73 15.00 -4.13
N ASN B 460 7.99 14.62 -4.38
CA ASN B 460 8.31 13.26 -4.74
C ASN B 460 7.94 12.27 -3.64
N GLU B 461 7.82 11.01 -4.02
CA GLU B 461 7.44 9.91 -3.13
C GLU B 461 8.62 9.50 -2.23
N GLY B 462 8.34 9.27 -0.95
CA GLY B 462 9.41 8.89 -0.04
C GLY B 462 9.48 7.44 0.38
N SER B 463 8.32 6.77 0.39
CA SER B 463 8.23 5.37 0.80
C SER B 463 8.30 4.37 -0.33
N TYR B 464 9.29 3.52 -0.28
CA TYR B 464 9.47 2.49 -1.27
C TYR B 464 8.32 1.51 -1.19
N PHE B 465 7.56 1.55 -0.09
CA PHE B 465 6.51 0.55 0.12
C PHE B 465 5.01 0.82 -0.05
N PHE B 466 4.58 2.05 -0.28
CA PHE B 466 3.14 2.27 -0.42
C PHE B 466 2.62 1.74 -1.74
N GLY B 467 1.73 0.75 -1.70
CA GLY B 467 1.19 0.21 -2.93
C GLY B 467 1.93 -1.05 -3.35
N ASP B 468 2.80 -1.52 -2.47
CA ASP B 468 3.62 -2.71 -2.68
C ASP B 468 2.84 -3.83 -3.37
N ASN B 469 3.22 -4.15 -4.60
CA ASN B 469 2.54 -5.24 -5.30
C ASN B 469 3.49 -6.43 -5.33
N ALA B 470 4.62 -6.31 -4.64
CA ALA B 470 5.63 -7.36 -4.61
C ALA B 470 5.20 -8.71 -4.05
N GLU B 471 5.84 -9.76 -4.54
CA GLU B 471 5.57 -11.12 -4.11
C GLU B 471 5.82 -11.23 -2.61
N GLU B 472 5.02 -12.06 -1.95
CA GLU B 472 5.13 -12.27 -0.50
C GLU B 472 6.17 -13.33 -0.19
N TYR B 473 7.14 -12.97 0.66
CA TYR B 473 8.18 -13.91 1.07
C TYR B 473 7.49 -14.88 2.00
N ASP B 474 8.02 -16.08 2.15
CA ASP B 474 7.42 -17.05 3.07
C ASP B 474 8.49 -17.57 4.03
N ASN B 475 8.46 -17.07 5.26
CA ASN B 475 9.42 -17.45 6.31
C ASN B 475 9.30 -18.91 6.77
#